data_5EQ9
#
_entry.id   5EQ9
#
_cell.length_a   61.885
_cell.length_b   89.802
_cell.length_c   92.593
_cell.angle_alpha   90.00
_cell.angle_beta   97.07
_cell.angle_gamma   90.00
#
_symmetry.space_group_name_H-M   'P 1 21 1'
#
loop_
_entity.id
_entity.type
_entity.pdbx_description
1 polymer 'Inositol monophosphatase'
2 non-polymer 'PHOSPHORIC ACID MONO-[2-AMINO-3-(3H-IMIDAZOL-4-YL)-PROPYL]ESTER'
3 non-polymer 'MAGNESIUM ION'
4 non-polymer GLYCEROL
5 water water
#
_entity_poly.entity_id   1
_entity_poly.type   'polypeptide(L)'
_entity_poly.pdbx_seq_one_letter_code
;SNAMSSSSSPPHQLNHFSDVANKAANAAGDVIRKYFRKNNFDIIHKNDLSPVTIADQSAEEAMVSVILDNFPSHAVYGEE
KGWRCKQDSADYVWVLDPIDGTKSFITGKPLFGTLIALLQNGTPILGIIDQPVLKERWIGITGKRTTLNGQEVSTRTCAD
LSQAYLYTTSPHLFSGDAEEAFIRVRDKVKIPLYGCDCYAYALLSSGFVDLVVESGLKPYDFLALIPVIEGSGGVITDWK
GHQLRWEASPLSIATSFNVVAAGDKQIHQQALDSLQW
;
_entity_poly.pdbx_strand_id   A,B,C,D
#
# COMPACT_ATOMS: atom_id res chain seq x y z
N GLN A 13 -13.42 42.85 -28.15
CA GLN A 13 -13.48 42.60 -26.66
C GLN A 13 -12.73 41.34 -26.17
N LEU A 14 -12.92 40.20 -26.80
CA LEU A 14 -12.38 38.94 -26.21
C LEU A 14 -10.83 38.85 -26.15
N ASN A 15 -10.20 39.25 -27.25
CA ASN A 15 -8.72 39.48 -27.25
C ASN A 15 -8.25 40.50 -26.26
N HIS A 16 -9.04 41.56 -26.09
CA HIS A 16 -8.71 42.64 -25.17
C HIS A 16 -8.70 42.09 -23.79
N PHE A 17 -9.67 41.24 -23.43
CA PHE A 17 -9.67 40.61 -22.10
C PHE A 17 -8.40 39.80 -21.85
N SER A 18 -8.01 38.96 -22.81
CA SER A 18 -6.79 38.13 -22.72
C SER A 18 -5.55 39.05 -22.57
N ASP A 19 -5.49 40.09 -23.40
CA ASP A 19 -4.29 40.95 -23.41
C ASP A 19 -4.14 41.61 -22.03
N VAL A 20 -5.25 42.14 -21.50
CA VAL A 20 -5.26 42.80 -20.18
C VAL A 20 -4.97 41.81 -19.07
N ALA A 21 -5.53 40.60 -19.16
CA ALA A 21 -5.25 39.57 -18.13
C ALA A 21 -3.74 39.25 -18.07
N ASN A 22 -3.11 39.15 -19.24
CA ASN A 22 -1.66 38.93 -19.33
C ASN A 22 -0.91 40.09 -18.75
N LYS A 23 -1.31 41.32 -19.06
CA LYS A 23 -0.67 42.52 -18.50
C LYS A 23 -0.78 42.53 -16.99
N ALA A 24 -1.93 42.11 -16.46
CA ALA A 24 -2.14 42.05 -15.01
C ALA A 24 -1.23 41.00 -14.40
N ALA A 25 -1.13 39.83 -15.03
CA ALA A 25 -0.26 38.78 -14.52
C ALA A 25 1.20 39.24 -14.55
N ASN A 26 1.57 39.93 -15.61
CA ASN A 26 2.93 40.42 -15.71
C ASN A 26 3.28 41.39 -14.59
N ALA A 27 2.32 42.26 -14.25
CA ALA A 27 2.51 43.24 -13.22
C ALA A 27 2.61 42.57 -11.86
N ALA A 28 1.77 41.56 -11.60
CA ALA A 28 1.82 40.81 -10.36
C ALA A 28 3.18 40.11 -10.21
N GLY A 29 3.66 39.52 -11.29
CA GLY A 29 4.91 38.74 -11.27
C GLY A 29 6.11 39.66 -10.97
N ASP A 30 6.10 40.86 -11.54
CA ASP A 30 7.15 41.85 -11.33
C ASP A 30 7.19 42.16 -9.85
N VAL A 31 6.05 42.39 -9.19
CA VAL A 31 5.97 42.59 -7.76
C VAL A 31 6.48 41.42 -6.96
N ILE A 32 5.96 40.24 -7.25
CA ILE A 32 6.20 39.06 -6.45
C ILE A 32 7.71 38.72 -6.42
N ARG A 33 8.38 38.87 -7.54
CA ARG A 33 9.80 38.56 -7.64
C ARG A 33 10.63 39.46 -6.70
N LYS A 34 10.10 40.61 -6.31
CA LYS A 34 10.82 41.52 -5.39
C LYS A 34 10.83 40.99 -3.93
N TYR A 35 9.94 40.05 -3.63
CA TYR A 35 9.67 39.54 -2.30
C TYR A 35 10.03 38.06 -2.07
N PHE A 36 10.01 37.25 -3.13
CA PHE A 36 10.23 35.84 -2.98
C PHE A 36 11.66 35.57 -2.54
N ARG A 37 11.80 34.69 -1.54
CA ARG A 37 13.09 34.30 -0.98
C ARG A 37 13.85 35.50 -0.35
N LYS A 38 13.12 36.41 0.22
CA LYS A 38 13.74 37.40 1.12
C LYS A 38 13.49 37.07 2.60
N SER A 50 4.82 38.76 7.18
CA SER A 50 4.51 40.06 6.62
C SER A 50 5.07 40.23 5.21
N PRO A 51 6.28 39.68 4.86
CA PRO A 51 6.64 39.87 3.42
C PRO A 51 5.59 39.29 2.48
N VAL A 52 5.03 38.16 2.86
CA VAL A 52 4.01 37.53 2.02
C VAL A 52 2.79 38.46 1.97
N THR A 53 2.45 39.13 3.06
CA THR A 53 1.28 40.05 3.08
C THR A 53 1.52 41.30 2.26
N ILE A 54 2.69 41.87 2.40
CA ILE A 54 3.06 43.04 1.62
C ILE A 54 3.12 42.68 0.13
N ALA A 55 3.73 41.55 -0.21
CA ALA A 55 3.80 41.09 -1.60
C ALA A 55 2.38 40.90 -2.20
N ASP A 56 1.53 40.24 -1.44
CA ASP A 56 0.15 39.94 -1.86
C ASP A 56 -0.60 41.23 -2.09
N GLN A 57 -0.52 42.15 -1.13
CA GLN A 57 -1.28 43.42 -1.26
C GLN A 57 -0.76 44.26 -2.46
N SER A 58 0.58 44.33 -2.58
CA SER A 58 1.23 45.16 -3.66
C SER A 58 0.90 44.50 -5.03
N ALA A 59 0.94 43.17 -5.10
CA ALA A 59 0.66 42.52 -6.38
C ALA A 59 -0.82 42.69 -6.79
N GLU A 60 -1.72 42.59 -5.81
CA GLU A 60 -3.11 42.82 -6.08
C GLU A 60 -3.39 44.26 -6.57
N GLU A 61 -2.79 45.25 -5.91
CA GLU A 61 -2.92 46.62 -6.37
C GLU A 61 -2.43 46.81 -7.79
N ALA A 62 -1.30 46.16 -8.11
CA ALA A 62 -0.74 46.27 -9.45
C ALA A 62 -1.68 45.70 -10.50
N MET A 63 -2.28 44.56 -10.18
CA MET A 63 -3.27 43.92 -11.08
C MET A 63 -4.50 44.78 -11.27
N VAL A 64 -5.02 45.29 -10.17
CA VAL A 64 -6.28 46.09 -10.21
C VAL A 64 -6.07 47.36 -11.02
N SER A 65 -4.91 48.01 -10.86
CA SER A 65 -4.60 49.20 -11.65
CA SER A 65 -4.56 49.21 -11.66
C SER A 65 -4.66 48.94 -13.16
N VAL A 66 -4.03 47.84 -13.62
CA VAL A 66 -4.03 47.47 -15.02
C VAL A 66 -5.49 47.22 -15.47
N ILE A 67 -6.15 46.40 -14.70
CA ILE A 67 -7.54 45.99 -15.06
C ILE A 67 -8.47 47.21 -15.22
N LEU A 68 -8.48 48.07 -14.21
CA LEU A 68 -9.44 49.17 -14.22
C LEU A 68 -9.07 50.29 -15.15
N ASP A 69 -7.76 50.45 -15.46
CA ASP A 69 -7.33 51.40 -16.49
C ASP A 69 -7.95 51.00 -17.81
N ASN A 70 -8.02 49.69 -18.07
CA ASN A 70 -8.57 49.20 -19.32
C ASN A 70 -10.08 49.06 -19.31
N PHE A 71 -10.62 48.65 -18.18
CA PHE A 71 -12.03 48.27 -18.06
C PHE A 71 -12.66 48.95 -16.81
N PRO A 72 -12.85 50.29 -16.87
CA PRO A 72 -13.41 50.98 -15.68
C PRO A 72 -14.87 50.57 -15.35
N SER A 73 -15.59 49.90 -16.29
CA SER A 73 -16.92 49.37 -15.98
C SER A 73 -16.92 48.04 -15.33
N HIS A 74 -15.73 47.45 -15.08
CA HIS A 74 -15.65 46.16 -14.43
C HIS A 74 -15.55 46.35 -12.91
N ALA A 75 -15.72 45.24 -12.22
CA ALA A 75 -15.47 45.12 -10.78
C ALA A 75 -14.30 44.20 -10.54
N VAL A 76 -13.77 44.30 -9.32
CA VAL A 76 -12.73 43.37 -8.85
C VAL A 76 -13.13 42.79 -7.50
N TYR A 77 -12.57 41.59 -7.21
CA TYR A 77 -12.86 40.92 -5.96
C TYR A 77 -11.56 40.25 -5.52
N GLY A 78 -11.20 40.48 -4.25
CA GLY A 78 -10.12 39.73 -3.65
C GLY A 78 -10.37 39.48 -2.19
N GLU A 79 -9.45 38.71 -1.59
CA GLU A 79 -9.59 38.26 -0.22
C GLU A 79 -9.72 39.39 0.82
N GLU A 80 -8.73 40.23 0.85
CA GLU A 80 -8.70 41.28 1.85
C GLU A 80 -9.76 42.35 1.73
N LYS A 81 -9.96 42.84 0.53
CA LYS A 81 -10.82 44.03 0.33
C LYS A 81 -12.22 43.69 -0.19
N GLY A 82 -12.46 42.42 -0.56
CA GLY A 82 -13.75 42.02 -1.07
C GLY A 82 -14.06 42.65 -2.44
N TRP A 83 -15.36 42.90 -2.64
CA TRP A 83 -15.87 43.53 -3.86
C TRP A 83 -15.50 45.03 -3.91
N ARG A 84 -15.00 45.45 -5.06
CA ARG A 84 -14.77 46.85 -5.35
C ARG A 84 -15.26 47.18 -6.75
N CYS A 85 -16.06 48.22 -6.86
CA CYS A 85 -16.54 48.72 -8.12
C CYS A 85 -16.93 50.17 -7.96
N LYS A 86 -16.56 50.98 -8.92
CA LYS A 86 -16.88 52.42 -8.87
C LYS A 86 -18.34 52.69 -9.29
N GLN A 87 -19.02 51.65 -9.80
CA GLN A 87 -20.49 51.62 -10.06
C GLN A 87 -21.21 50.65 -9.13
N ASP A 88 -22.55 50.69 -9.13
CA ASP A 88 -23.33 49.83 -8.22
C ASP A 88 -23.41 48.36 -8.61
N SER A 89 -23.03 48.11 -9.84
CA SER A 89 -23.07 46.73 -10.40
C SER A 89 -22.06 46.65 -11.53
N ALA A 90 -21.74 45.42 -11.92
CA ALA A 90 -20.87 45.16 -13.05
C ALA A 90 -21.25 43.80 -13.66
N ASP A 91 -21.23 43.72 -14.98
CA ASP A 91 -21.40 42.44 -15.69
C ASP A 91 -20.14 41.55 -15.66
N TYR A 92 -18.99 42.22 -15.58
CA TYR A 92 -17.67 41.58 -15.60
C TYR A 92 -16.94 41.86 -14.27
N VAL A 93 -16.49 40.75 -13.67
CA VAL A 93 -15.80 40.82 -12.39
C VAL A 93 -14.55 40.01 -12.44
N TRP A 94 -13.43 40.64 -12.02
CA TRP A 94 -12.12 39.96 -11.91
C TRP A 94 -11.93 39.48 -10.52
N VAL A 95 -11.74 38.17 -10.33
CA VAL A 95 -11.54 37.55 -9.01
C VAL A 95 -10.06 37.12 -8.93
N LEU A 96 -9.33 37.65 -7.95
CA LEU A 96 -7.88 37.56 -7.93
C LEU A 96 -7.38 36.89 -6.65
N ASP A 97 -6.31 36.11 -6.80
CA ASP A 97 -5.51 35.70 -5.67
C ASP A 97 -4.05 35.83 -6.08
N PRO A 98 -3.38 36.92 -5.59
CA PRO A 98 -1.98 37.06 -5.98
C PRO A 98 -1.03 35.91 -5.60
N ILE A 99 -1.27 35.35 -4.44
CA ILE A 99 -0.42 34.27 -3.98
C ILE A 99 -1.34 33.16 -3.37
N ASP A 100 -1.63 32.20 -4.24
CA ASP A 100 -2.26 30.95 -3.82
C ASP A 100 -1.14 29.99 -3.50
N GLY A 101 -1.12 29.49 -2.26
CA GLY A 101 0.02 28.73 -1.76
C GLY A 101 0.93 29.58 -0.89
N THR A 102 0.37 30.23 0.09
CA THR A 102 1.14 31.10 0.97
C THR A 102 2.24 30.36 1.73
N LYS A 103 1.97 29.12 2.14
CA LYS A 103 2.97 28.36 2.87
C LYS A 103 4.14 28.01 2.00
N SER A 104 3.92 27.65 0.76
CA SER A 104 5.00 27.47 -0.20
C SER A 104 5.77 28.79 -0.37
N PHE A 105 5.09 29.90 -0.55
CA PHE A 105 5.78 31.15 -0.73
C PHE A 105 6.69 31.43 0.46
N ILE A 106 6.16 31.36 1.67
CA ILE A 106 6.89 31.71 2.92
C ILE A 106 8.10 30.83 3.08
N THR A 107 8.00 29.58 2.65
CA THR A 107 9.10 28.60 2.78
C THR A 107 9.99 28.50 1.56
N GLY A 108 9.86 29.44 0.64
CA GLY A 108 10.73 29.48 -0.46
C GLY A 108 10.56 28.49 -1.57
N LYS A 109 9.39 27.83 -1.58
CA LYS A 109 9.08 26.79 -2.59
C LYS A 109 8.32 27.44 -3.78
N PRO A 110 8.86 27.32 -4.99
CA PRO A 110 8.36 28.16 -6.11
C PRO A 110 7.18 27.51 -6.83
N LEU A 111 6.23 26.97 -6.06
CA LEU A 111 5.02 26.32 -6.62
C LEU A 111 3.77 26.97 -6.15
N PHE A 112 3.83 28.14 -5.54
CA PHE A 112 2.63 29.01 -5.38
C PHE A 112 2.23 29.52 -6.76
N GLY A 113 1.03 30.11 -6.85
CA GLY A 113 0.64 30.76 -8.12
C GLY A 113 -0.22 31.97 -7.94
N THR A 114 -0.19 32.82 -8.95
CA THR A 114 -1.13 33.90 -9.03
C THR A 114 -2.32 33.40 -9.87
N LEU A 115 -3.51 33.63 -9.29
CA LEU A 115 -4.76 33.22 -9.96
C LEU A 115 -5.57 34.44 -10.36
N ILE A 116 -5.99 34.45 -11.63
CA ILE A 116 -6.81 35.53 -12.18
C ILE A 116 -8.01 34.84 -12.88
N ALA A 117 -9.23 35.21 -12.46
CA ALA A 117 -10.44 34.75 -13.15
C ALA A 117 -11.26 35.97 -13.56
N LEU A 118 -11.77 35.94 -14.77
CA LEU A 118 -12.73 36.95 -15.23
C LEU A 118 -14.10 36.25 -15.40
N LEU A 119 -15.08 36.80 -14.68
CA LEU A 119 -16.45 36.25 -14.68
C LEU A 119 -17.35 37.21 -15.43
N GLN A 120 -18.15 36.65 -16.35
CA GLN A 120 -19.24 37.35 -17.04
C GLN A 120 -20.56 36.86 -16.48
N ASN A 121 -21.35 37.71 -15.85
CA ASN A 121 -22.59 37.25 -15.24
C ASN A 121 -22.39 36.03 -14.39
N GLY A 122 -21.29 36.03 -13.63
CA GLY A 122 -20.99 35.01 -12.68
C GLY A 122 -20.31 33.77 -13.19
N THR A 123 -20.07 33.68 -14.52
CA THR A 123 -19.45 32.53 -15.14
C THR A 123 -18.00 32.84 -15.57
N PRO A 124 -17.02 32.02 -15.10
CA PRO A 124 -15.66 32.27 -15.60
C PRO A 124 -15.54 32.10 -17.11
N ILE A 125 -14.96 33.09 -17.75
CA ILE A 125 -14.69 33.08 -19.18
C ILE A 125 -13.18 33.06 -19.52
N LEU A 126 -12.36 33.34 -18.47
CA LEU A 126 -10.93 33.34 -18.60
C LEU A 126 -10.36 33.02 -17.23
N GLY A 127 -9.28 32.24 -17.25
CA GLY A 127 -8.57 31.92 -16.01
C GLY A 127 -7.07 31.83 -16.36
N ILE A 128 -6.26 32.39 -15.42
CA ILE A 128 -4.80 32.24 -15.51
C ILE A 128 -4.30 31.61 -14.22
N ILE A 129 -3.37 30.65 -14.38
CA ILE A 129 -2.50 30.18 -13.29
C ILE A 129 -1.08 30.64 -13.70
N ASP A 130 -0.50 31.56 -12.95
CA ASP A 130 0.84 32.04 -13.27
C ASP A 130 1.83 31.73 -12.15
N GLN A 131 2.96 31.13 -12.53
CA GLN A 131 4.07 30.89 -11.62
C GLN A 131 5.19 31.87 -12.06
N PRO A 132 5.34 32.99 -11.32
CA PRO A 132 6.19 34.07 -11.82
C PRO A 132 7.70 33.79 -11.67
N VAL A 133 8.05 32.81 -10.84
CA VAL A 133 9.46 32.47 -10.64
C VAL A 133 9.89 31.50 -11.73
N LEU A 134 9.07 30.45 -11.91
CA LEU A 134 9.31 29.45 -12.94
C LEU A 134 9.02 29.95 -14.32
N LYS A 135 8.31 31.09 -14.41
CA LYS A 135 7.89 31.66 -15.71
C LYS A 135 7.04 30.68 -16.51
N GLU A 136 5.98 30.21 -15.81
CA GLU A 136 5.00 29.30 -16.42
C GLU A 136 3.62 29.91 -16.27
N ARG A 137 2.89 29.98 -17.38
CA ARG A 137 1.58 30.63 -17.38
C ARG A 137 0.59 29.75 -18.13
N TRP A 138 -0.39 29.21 -17.40
CA TRP A 138 -1.51 28.50 -18.01
C TRP A 138 -2.63 29.50 -18.21
N ILE A 139 -3.24 29.45 -19.41
CA ILE A 139 -4.33 30.36 -19.76
C ILE A 139 -5.51 29.53 -20.34
N GLY A 140 -6.66 29.65 -19.65
CA GLY A 140 -7.89 29.06 -20.13
C GLY A 140 -8.79 30.17 -20.56
N ILE A 141 -9.34 30.03 -21.76
CA ILE A 141 -10.27 31.02 -22.37
C ILE A 141 -11.42 30.24 -22.97
N THR A 142 -12.64 30.64 -22.67
CA THR A 142 -13.77 29.93 -23.25
CA THR A 142 -13.80 29.94 -23.25
C THR A 142 -13.75 30.08 -24.77
N GLY A 143 -13.87 28.94 -25.46
CA GLY A 143 -13.76 28.88 -26.90
C GLY A 143 -12.44 28.30 -27.40
N LYS A 144 -11.39 28.29 -26.56
CA LYS A 144 -10.07 27.93 -27.01
C LYS A 144 -9.54 26.77 -26.20
N ARG A 145 -8.55 26.02 -26.72
CA ARG A 145 -7.81 25.09 -25.93
C ARG A 145 -6.86 25.87 -25.00
N THR A 146 -6.74 25.33 -23.78
CA THR A 146 -5.80 25.92 -22.78
C THR A 146 -4.37 25.84 -23.32
N THR A 147 -3.57 26.87 -22.94
CA THR A 147 -2.17 26.91 -23.29
C THR A 147 -1.30 27.06 -22.03
N LEU A 148 -0.06 26.57 -22.20
CA LEU A 148 1.02 26.80 -21.21
C LEU A 148 2.12 27.51 -22.00
N ASN A 149 2.44 28.74 -21.60
CA ASN A 149 3.42 29.57 -22.31
C ASN A 149 3.17 29.52 -23.82
N GLY A 150 1.86 29.66 -24.15
CA GLY A 150 1.42 29.81 -25.49
C GLY A 150 1.24 28.57 -26.33
N GLN A 151 1.57 27.42 -25.77
CA GLN A 151 1.45 26.13 -26.43
C GLN A 151 0.28 25.34 -25.88
N GLU A 152 -0.55 24.78 -26.76
CA GLU A 152 -1.71 24.05 -26.32
C GLU A 152 -1.37 22.85 -25.48
N VAL A 153 -2.18 22.62 -24.46
CA VAL A 153 -2.04 21.47 -23.56
C VAL A 153 -3.29 20.61 -23.57
N SER A 154 -3.14 19.42 -23.08
CA SER A 154 -4.24 18.50 -22.88
C SER A 154 -4.10 17.65 -21.63
N THR A 155 -5.25 17.30 -21.00
CA THR A 155 -5.27 16.26 -20.02
C THR A 155 -4.98 14.91 -20.66
N ARG A 156 -4.69 13.91 -19.81
CA ARG A 156 -4.48 12.54 -20.26
C ARG A 156 -5.66 11.65 -19.85
N THR A 157 -5.80 10.55 -20.59
CA THR A 157 -6.71 9.54 -20.14
C THR A 157 -6.10 8.77 -19.00
N CYS A 158 -6.96 8.06 -18.27
CA CYS A 158 -6.53 7.20 -17.17
C CYS A 158 -7.52 6.06 -17.08
N ALA A 159 -6.99 4.81 -17.05
CA ALA A 159 -7.79 3.61 -17.27
C ALA A 159 -8.69 3.27 -16.11
N ASP A 160 -8.38 3.70 -14.89
CA ASP A 160 -9.14 3.37 -13.65
C ASP A 160 -8.57 4.20 -12.48
N LEU A 161 -9.39 4.41 -11.46
CA LEU A 161 -9.00 5.11 -10.27
C LEU A 161 -7.71 4.50 -9.67
N SER A 162 -7.58 3.19 -9.69
CA SER A 162 -6.39 2.47 -9.14
C SER A 162 -5.09 2.82 -9.84
N GLN A 163 -5.19 3.44 -11.02
CA GLN A 163 -4.05 3.89 -11.80
C GLN A 163 -3.77 5.38 -11.72
N ALA A 164 -4.60 6.09 -10.96
CA ALA A 164 -4.53 7.55 -10.94
C ALA A 164 -3.53 8.10 -9.96
N TYR A 165 -2.82 9.12 -10.41
CA TYR A 165 -1.98 9.93 -9.51
C TYR A 165 -2.83 11.09 -9.00
N LEU A 166 -2.96 11.15 -7.68
CA LEU A 166 -3.77 12.13 -6.98
C LEU A 166 -2.88 13.15 -6.24
N TYR A 167 -3.24 14.41 -6.32
CA TYR A 167 -2.66 15.45 -5.47
C TYR A 167 -3.69 16.09 -4.60
N THR A 168 -3.23 16.58 -3.43
CA THR A 168 -3.95 17.51 -2.60
C THR A 168 -2.92 18.34 -1.84
N THR A 169 -3.31 19.52 -1.43
CA THR A 169 -2.27 20.40 -0.79
C THR A 169 -1.70 19.78 0.49
N SER A 170 -2.55 19.30 1.38
CA SER A 170 -2.14 18.81 2.69
C SER A 170 -3.09 17.81 3.25
N PRO A 171 -2.58 16.78 3.94
CA PRO A 171 -3.47 15.82 4.60
C PRO A 171 -4.30 16.48 5.72
N HIS A 172 -3.84 17.65 6.23
CA HIS A 172 -4.45 18.29 7.39
C HIS A 172 -5.58 19.24 7.04
N LEU A 173 -5.83 19.44 5.74
CA LEU A 173 -6.84 20.40 5.29
C LEU A 173 -8.16 19.67 4.97
N PHE A 174 -8.49 18.70 5.81
CA PHE A 174 -9.76 17.99 5.76
C PHE A 174 -10.14 17.74 7.20
N SER A 175 -11.44 17.85 7.46
CA SER A 175 -11.94 17.56 8.81
C SER A 175 -13.25 16.82 8.73
N GLY A 176 -13.57 16.10 9.77
CA GLY A 176 -14.88 15.54 9.89
C GLY A 176 -15.30 14.68 8.73
N ASP A 177 -16.56 14.84 8.30
CA ASP A 177 -17.10 14.05 7.16
C ASP A 177 -16.26 14.20 5.91
N ALA A 178 -15.71 15.40 5.69
CA ALA A 178 -14.87 15.59 4.49
C ALA A 178 -13.57 14.78 4.49
N GLU A 179 -13.01 14.65 5.67
CA GLU A 179 -11.82 13.79 5.83
C GLU A 179 -12.12 12.32 5.55
N GLU A 180 -13.29 11.86 6.05
CA GLU A 180 -13.68 10.48 5.76
C GLU A 180 -13.89 10.24 4.28
N ALA A 181 -14.50 11.21 3.62
CA ALA A 181 -14.64 11.10 2.14
C ALA A 181 -13.35 11.10 1.35
N PHE A 182 -12.45 12.04 1.72
CA PHE A 182 -11.14 12.08 1.13
C PHE A 182 -10.42 10.74 1.30
N ILE A 183 -10.47 10.19 2.51
CA ILE A 183 -9.78 8.93 2.77
C ILE A 183 -10.33 7.80 1.84
N ARG A 184 -11.65 7.79 1.61
CA ARG A 184 -12.18 6.77 0.71
C ARG A 184 -11.55 6.85 -0.69
N VAL A 185 -11.41 8.06 -1.23
CA VAL A 185 -10.76 8.22 -2.52
C VAL A 185 -9.25 7.89 -2.42
N ARG A 186 -8.62 8.51 -1.44
CA ARG A 186 -7.20 8.37 -1.23
C ARG A 186 -6.73 6.91 -1.25
N ASP A 187 -7.50 6.07 -0.62
CA ASP A 187 -7.13 4.68 -0.45
C ASP A 187 -7.34 3.84 -1.73
N LYS A 188 -8.02 4.41 -2.73
CA LYS A 188 -8.28 3.72 -4.02
C LYS A 188 -7.34 4.11 -5.17
N VAL A 189 -6.61 5.22 -5.02
CA VAL A 189 -5.81 5.72 -6.13
C VAL A 189 -4.46 4.98 -6.16
N LYS A 190 -3.69 5.22 -7.23
CA LYS A 190 -2.36 4.62 -7.31
C LYS A 190 -1.46 5.13 -6.19
N ILE A 191 -1.41 6.44 -6.04
CA ILE A 191 -0.63 7.05 -4.95
C ILE A 191 -1.18 8.44 -4.69
N PRO A 192 -1.25 8.86 -3.40
CA PRO A 192 -1.61 10.22 -3.04
C PRO A 192 -0.34 11.01 -2.79
N LEU A 193 -0.27 12.18 -3.40
CA LEU A 193 0.86 13.09 -3.35
C LEU A 193 0.38 14.43 -2.84
N TYR A 194 1.30 15.19 -2.27
CA TYR A 194 0.94 16.43 -1.60
C TYR A 194 1.84 17.63 -1.87
N GLY A 195 1.42 18.80 -1.42
CA GLY A 195 2.23 19.99 -1.46
C GLY A 195 2.22 21.13 -2.46
N CYS A 196 1.28 21.20 -3.41
CA CYS A 196 1.36 22.33 -4.36
C CYS A 196 0.20 23.26 -4.69
N ASP A 197 -0.93 23.18 -3.99
CA ASP A 197 -1.94 24.23 -4.23
C ASP A 197 -2.38 24.22 -5.71
N CYS A 198 -2.53 25.38 -6.30
CA CYS A 198 -2.98 25.48 -7.67
C CYS A 198 -2.06 24.76 -8.66
N TYR A 199 -0.79 24.59 -8.32
CA TYR A 199 0.12 23.98 -9.28
C TYR A 199 -0.29 22.57 -9.64
N ALA A 200 -0.93 21.86 -8.72
CA ALA A 200 -1.34 20.49 -9.04
C ALA A 200 -2.42 20.49 -10.15
N TYR A 201 -3.29 21.47 -10.11
CA TYR A 201 -4.32 21.60 -11.14
C TYR A 201 -3.71 21.96 -12.51
N ALA A 202 -2.66 22.80 -12.50
CA ALA A 202 -1.88 23.10 -13.70
C ALA A 202 -1.26 21.84 -14.27
N LEU A 203 -0.64 21.01 -13.39
CA LEU A 203 -0.07 19.78 -13.86
C LEU A 203 -1.14 18.81 -14.43
N LEU A 204 -2.31 18.82 -13.79
CA LEU A 204 -3.45 17.99 -14.32
C LEU A 204 -3.83 18.47 -15.73
N SER A 205 -3.90 19.78 -15.88
CA SER A 205 -4.24 20.42 -17.17
C SER A 205 -3.24 20.09 -18.27
N SER A 206 -2.00 19.87 -17.90
CA SER A 206 -0.93 19.50 -18.81
C SER A 206 -0.75 18.00 -19.04
N GLY A 207 -1.52 17.23 -18.29
CA GLY A 207 -1.58 15.80 -18.51
C GLY A 207 -0.58 14.97 -17.70
N PHE A 208 -0.14 15.52 -16.57
CA PHE A 208 0.82 14.79 -15.73
C PHE A 208 0.31 14.32 -14.38
N VAL A 209 -0.94 14.72 -14.06
CA VAL A 209 -1.66 14.35 -12.87
C VAL A 209 -3.07 13.98 -13.29
N ASP A 210 -3.64 12.99 -12.59
CA ASP A 210 -4.99 12.50 -12.92
C ASP A 210 -6.11 13.07 -12.11
N LEU A 211 -5.88 13.36 -10.85
CA LEU A 211 -6.93 13.73 -9.89
C LEU A 211 -6.43 14.71 -8.87
N VAL A 212 -7.22 15.71 -8.53
CA VAL A 212 -6.95 16.65 -7.45
C VAL A 212 -8.23 16.71 -6.64
N VAL A 213 -8.16 16.51 -5.31
CA VAL A 213 -9.31 16.53 -4.42
C VAL A 213 -8.96 17.41 -3.26
N GLU A 214 -9.74 18.46 -3.04
CA GLU A 214 -9.48 19.40 -1.95
C GLU A 214 -10.77 19.85 -1.28
N SER A 215 -10.68 20.27 -0.04
CA SER A 215 -11.76 20.70 0.75
C SER A 215 -11.47 22.08 1.35
N GLY A 216 -12.42 23.00 1.33
CA GLY A 216 -12.27 24.29 1.98
C GLY A 216 -11.61 25.39 1.19
N LEU A 217 -11.71 25.30 -0.14
CA LEU A 217 -11.19 26.37 -1.02
C LEU A 217 -12.18 27.52 -1.09
N LYS A 218 -11.64 28.73 -1.04
CA LYS A 218 -12.44 29.92 -1.26
C LYS A 218 -12.49 30.24 -2.76
N PRO A 219 -13.49 31.06 -3.20
CA PRO A 219 -13.67 31.24 -4.67
C PRO A 219 -12.44 31.74 -5.42
N TYR A 220 -11.68 32.61 -4.78
CA TYR A 220 -10.48 33.15 -5.46
C TYR A 220 -9.38 32.06 -5.62
N ASP A 221 -9.50 30.95 -4.88
CA ASP A 221 -8.55 29.82 -4.97
C ASP A 221 -9.01 28.79 -6.07
N PHE A 222 -10.22 28.90 -6.61
CA PHE A 222 -10.62 27.89 -7.63
C PHE A 222 -11.22 28.45 -8.92
N LEU A 223 -11.76 29.65 -8.94
CA LEU A 223 -12.46 30.08 -10.15
C LEU A 223 -11.57 30.08 -11.37
N ALA A 224 -10.31 30.53 -11.20
CA ALA A 224 -9.38 30.58 -12.37
C ALA A 224 -9.10 29.20 -12.90
N LEU A 225 -9.19 28.19 -12.03
CA LEU A 225 -8.90 26.82 -12.41
C LEU A 225 -9.86 26.28 -13.46
N ILE A 226 -11.13 26.76 -13.39
CA ILE A 226 -12.19 26.17 -14.19
C ILE A 226 -11.92 26.25 -15.68
N PRO A 227 -11.73 27.45 -16.24
CA PRO A 227 -11.49 27.47 -17.69
C PRO A 227 -10.19 26.78 -18.09
N VAL A 228 -9.17 26.81 -17.21
CA VAL A 228 -7.92 26.16 -17.48
C VAL A 228 -8.13 24.66 -17.65
N ILE A 229 -8.77 24.07 -16.66
CA ILE A 229 -8.99 22.60 -16.70
C ILE A 229 -9.97 22.20 -17.78
N GLU A 230 -11.12 22.88 -17.84
CA GLU A 230 -12.08 22.44 -18.85
C GLU A 230 -11.53 22.60 -20.25
N GLY A 231 -10.78 23.68 -20.49
CA GLY A 231 -10.21 23.96 -21.80
C GLY A 231 -9.07 23.03 -22.18
N SER A 232 -8.60 22.23 -21.22
CA SER A 232 -7.59 21.21 -21.46
C SER A 232 -8.20 19.86 -21.74
N GLY A 233 -9.53 19.72 -21.56
CA GLY A 233 -10.22 18.44 -21.68
C GLY A 233 -10.60 17.77 -20.40
N GLY A 234 -10.32 18.43 -19.25
CA GLY A 234 -10.64 17.86 -17.96
C GLY A 234 -12.00 18.25 -17.43
N VAL A 235 -12.23 17.82 -16.18
CA VAL A 235 -13.51 18.09 -15.51
CA VAL A 235 -13.53 17.99 -15.49
C VAL A 235 -13.22 18.55 -14.10
N ILE A 236 -14.00 19.53 -13.66
CA ILE A 236 -13.87 20.04 -12.30
C ILE A 236 -15.26 20.44 -11.79
N THR A 237 -15.58 19.91 -10.64
CA THR A 237 -16.89 20.09 -10.01
C THR A 237 -16.76 20.16 -8.49
N ASP A 238 -17.90 20.29 -7.82
CA ASP A 238 -17.95 20.16 -6.38
C ASP A 238 -18.03 18.64 -6.10
N TRP A 239 -18.09 18.24 -4.85
CA TRP A 239 -18.00 16.84 -4.52
C TRP A 239 -19.26 16.02 -4.80
N LYS A 240 -20.38 16.70 -5.12
CA LYS A 240 -21.57 16.02 -5.62
C LYS A 240 -21.59 15.95 -7.16
N GLY A 241 -20.61 16.52 -7.81
CA GLY A 241 -20.60 16.59 -9.25
C GLY A 241 -21.31 17.74 -9.88
N HIS A 242 -21.73 18.67 -9.07
CA HIS A 242 -22.42 19.87 -9.55
C HIS A 242 -21.43 20.93 -9.97
N GLN A 243 -21.89 21.82 -10.81
CA GLN A 243 -21.10 22.93 -11.25
C GLN A 243 -20.57 23.74 -10.06
N LEU A 244 -19.29 24.10 -10.15
CA LEU A 244 -18.72 24.97 -9.12
C LEU A 244 -19.01 26.33 -9.59
N ARG A 245 -19.77 27.06 -8.82
CA ARG A 245 -20.15 28.42 -9.19
C ARG A 245 -20.18 29.33 -7.96
N TRP A 246 -19.65 30.51 -8.14
CA TRP A 246 -19.73 31.55 -7.16
C TRP A 246 -19.83 32.87 -7.88
N GLU A 247 -20.98 33.49 -7.77
CA GLU A 247 -21.24 34.74 -8.42
C GLU A 247 -20.73 35.89 -7.53
N ALA A 248 -19.67 36.48 -7.95
CA ALA A 248 -19.12 37.64 -7.26
C ALA A 248 -20.04 38.85 -7.46
N SER A 249 -20.42 39.50 -6.38
CA SER A 249 -21.37 40.61 -6.42
C SER A 249 -21.13 41.52 -5.22
N PRO A 250 -21.82 42.64 -5.16
CA PRO A 250 -21.64 43.46 -3.95
C PRO A 250 -21.96 42.78 -2.64
N LEU A 251 -22.87 41.80 -2.69
CA LEU A 251 -23.35 41.10 -1.50
C LEU A 251 -22.90 39.66 -1.35
N SER A 252 -22.16 39.15 -2.30
CA SER A 252 -21.70 37.78 -2.21
C SER A 252 -20.78 37.57 -0.99
N ILE A 253 -20.86 36.37 -0.43
CA ILE A 253 -20.07 35.97 0.71
C ILE A 253 -19.09 34.91 0.28
N ALA A 254 -17.80 35.07 0.60
CA ALA A 254 -16.75 34.12 0.15
C ALA A 254 -16.69 32.89 1.01
N THR A 255 -17.58 31.99 0.72
CA THR A 255 -17.72 30.73 1.44
C THR A 255 -16.71 29.68 0.91
N SER A 256 -16.64 28.57 1.58
CA SER A 256 -15.69 27.48 1.32
C SER A 256 -16.39 26.42 0.45
N PHE A 257 -15.63 25.84 -0.46
CA PHE A 257 -16.08 24.84 -1.38
C PHE A 257 -15.20 23.61 -1.35
N ASN A 258 -15.78 22.46 -1.69
CA ASN A 258 -15.03 21.23 -1.95
C ASN A 258 -14.92 21.03 -3.43
N VAL A 259 -13.72 20.67 -3.90
CA VAL A 259 -13.41 20.59 -5.31
C VAL A 259 -12.83 19.24 -5.67
N VAL A 260 -13.25 18.69 -6.82
CA VAL A 260 -12.64 17.52 -7.40
C VAL A 260 -12.43 17.74 -8.87
N ALA A 261 -11.18 17.61 -9.33
CA ALA A 261 -10.82 17.77 -10.69
C ALA A 261 -10.15 16.54 -11.20
N ALA A 262 -10.44 16.18 -12.43
CA ALA A 262 -9.85 15.01 -13.09
C ALA A 262 -9.49 15.29 -14.52
N GLY A 263 -8.43 14.59 -14.98
CA GLY A 263 -8.10 14.63 -16.40
C GLY A 263 -9.08 13.93 -17.32
N ASP A 264 -9.73 12.92 -16.75
CA ASP A 264 -10.57 11.96 -17.49
C ASP A 264 -11.91 11.86 -16.78
N LYS A 265 -13.01 12.01 -17.56
CA LYS A 265 -14.37 12.01 -17.01
C LYS A 265 -14.71 10.74 -16.28
N GLN A 266 -14.16 9.61 -16.74
CA GLN A 266 -14.48 8.33 -16.11
C GLN A 266 -13.85 8.25 -14.72
N ILE A 267 -12.62 8.74 -14.58
CA ILE A 267 -11.98 8.81 -13.27
C ILE A 267 -12.74 9.81 -12.34
N HIS A 268 -13.17 10.92 -12.90
CA HIS A 268 -13.97 11.87 -12.14
C HIS A 268 -15.22 11.17 -11.51
N GLN A 269 -15.95 10.42 -12.35
CA GLN A 269 -17.13 9.77 -11.83
C GLN A 269 -16.76 8.71 -10.73
N GLN A 270 -15.67 7.97 -10.93
CA GLN A 270 -15.23 7.04 -9.89
C GLN A 270 -14.92 7.77 -8.61
N ALA A 271 -14.31 8.95 -8.70
CA ALA A 271 -14.01 9.74 -7.53
C ALA A 271 -15.29 10.19 -6.81
N LEU A 272 -16.25 10.69 -7.60
CA LEU A 272 -17.54 11.02 -7.02
C LEU A 272 -18.22 9.86 -6.29
N ASP A 273 -18.12 8.68 -6.88
CA ASP A 273 -18.75 7.47 -6.31
C ASP A 273 -18.11 7.14 -4.96
N SER A 274 -16.79 7.39 -4.85
CA SER A 274 -16.03 7.15 -3.60
C SER A 274 -16.26 8.21 -2.56
N LEU A 275 -16.33 9.47 -2.99
CA LEU A 275 -16.62 10.55 -2.06
C LEU A 275 -17.97 10.38 -1.34
N GLN A 276 -18.98 9.89 -2.04
CA GLN A 276 -20.32 9.60 -1.49
C GLN A 276 -20.90 10.84 -0.79
N TRP A 277 -20.79 11.99 -1.47
CA TRP A 277 -21.11 13.26 -0.85
C TRP A 277 -22.56 13.63 -1.06
N HIS B 12 44.54 22.49 -4.77
CA HIS B 12 43.94 21.76 -3.59
C HIS B 12 43.01 20.72 -4.20
N GLN B 13 43.20 19.45 -3.85
CA GLN B 13 42.40 18.35 -4.46
C GLN B 13 40.89 18.55 -4.31
N LEU B 14 40.38 19.06 -3.16
CA LEU B 14 38.92 19.33 -3.05
C LEU B 14 38.45 20.27 -4.21
N ASN B 15 39.26 21.22 -4.69
CA ASN B 15 38.81 22.07 -5.84
C ASN B 15 38.64 21.24 -7.14
N HIS B 16 39.55 20.32 -7.40
CA HIS B 16 39.45 19.41 -8.51
C HIS B 16 38.21 18.47 -8.35
N PHE B 17 38.00 17.95 -7.15
CA PHE B 17 36.82 17.16 -6.86
C PHE B 17 35.55 17.97 -7.14
N SER B 18 35.51 19.24 -6.70
CA SER B 18 34.38 20.12 -6.96
C SER B 18 34.15 20.32 -8.47
N ASP B 19 35.21 20.57 -9.21
CA ASP B 19 35.08 20.78 -10.64
C ASP B 19 34.44 19.58 -11.29
N VAL B 20 34.96 18.42 -10.97
CA VAL B 20 34.46 17.15 -11.54
C VAL B 20 33.02 16.86 -11.10
N ALA B 21 32.69 17.12 -9.82
CA ALA B 21 31.33 16.94 -9.36
C ALA B 21 30.39 17.82 -10.14
N ASN B 22 30.77 19.06 -10.39
CA ASN B 22 29.98 19.99 -11.21
C ASN B 22 29.80 19.47 -12.63
N LYS B 23 30.85 18.92 -13.25
CA LYS B 23 30.74 18.36 -14.60
C LYS B 23 29.77 17.17 -14.56
N ALA B 24 29.83 16.37 -13.52
CA ALA B 24 28.91 15.21 -13.35
C ALA B 24 27.49 15.67 -13.24
N ALA B 25 27.25 16.72 -12.45
CA ALA B 25 25.87 17.25 -12.32
C ALA B 25 25.40 17.83 -13.62
N ASN B 26 26.29 18.50 -14.37
CA ASN B 26 25.90 19.06 -15.68
C ASN B 26 25.46 17.92 -16.59
N ALA B 27 26.21 16.84 -16.60
CA ALA B 27 25.93 15.69 -17.51
C ALA B 27 24.58 15.05 -17.12
N ALA B 28 24.30 14.93 -15.81
CA ALA B 28 23.04 14.36 -15.35
C ALA B 28 21.90 15.24 -15.83
N GLY B 29 22.06 16.54 -15.70
CA GLY B 29 21.00 17.50 -16.01
C GLY B 29 20.67 17.50 -17.47
N ASP B 30 21.66 17.35 -18.34
CA ASP B 30 21.41 17.28 -19.81
C ASP B 30 20.56 16.07 -20.12
N VAL B 31 20.79 14.95 -19.43
CA VAL B 31 20.01 13.74 -19.67
C VAL B 31 18.60 13.99 -19.13
N ILE B 32 18.49 14.43 -17.91
CA ILE B 32 17.19 14.55 -17.26
C ILE B 32 16.26 15.47 -18.01
N ARG B 33 16.75 16.57 -18.54
CA ARG B 33 15.95 17.54 -19.31
C ARG B 33 15.38 16.91 -20.60
N LYS B 34 16.00 15.87 -21.09
CA LYS B 34 15.48 15.18 -22.29
C LYS B 34 14.21 14.39 -21.97
N TYR B 35 14.01 14.00 -20.70
CA TYR B 35 12.95 13.05 -20.34
C TYR B 35 11.83 13.68 -19.47
N PHE B 36 12.12 14.76 -18.76
CA PHE B 36 11.17 15.37 -17.87
C PHE B 36 10.02 15.94 -18.70
N ARG B 37 8.80 15.66 -18.26
CA ARG B 37 7.55 16.10 -18.89
C ARG B 37 7.39 15.58 -20.33
N LYS B 38 7.91 14.38 -20.59
CA LYS B 38 7.63 13.56 -21.80
C LYS B 38 6.47 12.52 -21.72
N ASN B 39 5.73 12.46 -20.62
CA ASN B 39 4.75 11.35 -20.27
C ASN B 39 3.24 11.73 -20.07
N ASN B 40 2.78 12.72 -20.86
CA ASN B 40 1.37 13.23 -20.80
C ASN B 40 0.46 12.52 -21.86
N PHE B 41 1.03 11.60 -22.64
CA PHE B 41 0.19 10.68 -23.44
C PHE B 41 0.16 9.38 -22.64
N ASP B 42 -1.06 9.09 -22.14
CA ASP B 42 -1.36 7.86 -21.39
C ASP B 42 -1.11 6.58 -22.24
N LEU B 49 10.49 0.20 -20.63
CA LEU B 49 10.75 0.84 -19.33
C LEU B 49 10.27 2.30 -19.34
N SER B 50 9.94 2.80 -18.12
CA SER B 50 9.34 4.15 -18.00
C SER B 50 10.37 5.25 -18.26
N PRO B 51 9.90 6.46 -18.73
CA PRO B 51 10.83 7.60 -18.87
C PRO B 51 11.67 7.78 -17.62
N VAL B 52 11.09 7.60 -16.42
CA VAL B 52 11.85 7.84 -15.15
C VAL B 52 12.98 6.84 -14.93
N THR B 53 12.75 5.58 -15.22
CA THR B 53 13.82 4.56 -15.19
C THR B 53 14.90 4.82 -16.25
N ILE B 54 14.50 5.06 -17.49
CA ILE B 54 15.45 5.40 -18.54
C ILE B 54 16.33 6.59 -18.12
N ALA B 55 15.67 7.68 -17.69
CA ALA B 55 16.34 8.92 -17.30
C ALA B 55 17.30 8.66 -16.18
N ASP B 56 16.83 7.95 -15.15
CA ASP B 56 17.64 7.65 -13.99
C ASP B 56 18.88 6.89 -14.41
N GLN B 57 18.73 5.84 -15.18
CA GLN B 57 19.84 5.01 -15.57
C GLN B 57 20.83 5.75 -16.43
N SER B 58 20.32 6.47 -17.40
CA SER B 58 21.15 7.21 -18.33
CA SER B 58 21.17 7.20 -18.33
C SER B 58 21.89 8.35 -17.60
N ALA B 59 21.21 9.03 -16.69
CA ALA B 59 21.83 10.10 -15.95
C ALA B 59 22.95 9.52 -15.07
N GLU B 60 22.70 8.40 -14.42
CA GLU B 60 23.74 7.77 -13.61
C GLU B 60 24.94 7.42 -14.48
N GLU B 61 24.73 6.85 -15.64
CA GLU B 61 25.81 6.48 -16.54
C GLU B 61 26.62 7.70 -16.94
N ALA B 62 25.94 8.79 -17.20
CA ALA B 62 26.62 10.06 -17.62
C ALA B 62 27.52 10.55 -16.51
N MET B 63 27.01 10.53 -15.29
CA MET B 63 27.82 10.98 -14.16
C MET B 63 29.02 10.06 -13.92
N VAL B 64 28.79 8.75 -13.93
CA VAL B 64 29.83 7.76 -13.75
C VAL B 64 30.92 7.92 -14.78
N SER B 65 30.58 8.19 -16.02
CA SER B 65 31.58 8.36 -17.07
C SER B 65 32.48 9.54 -16.76
N VAL B 66 31.90 10.66 -16.34
CA VAL B 66 32.67 11.83 -15.97
C VAL B 66 33.58 11.54 -14.82
N ILE B 67 33.04 10.95 -13.77
CA ILE B 67 33.80 10.71 -12.55
C ILE B 67 34.98 9.83 -12.84
N LEU B 68 34.75 8.72 -13.48
CA LEU B 68 35.83 7.73 -13.70
C LEU B 68 36.81 8.13 -14.77
N ASP B 69 36.42 8.99 -15.72
CA ASP B 69 37.38 9.58 -16.68
C ASP B 69 38.44 10.40 -15.93
N ASN B 70 37.99 11.10 -14.91
CA ASN B 70 38.89 11.91 -14.11
C ASN B 70 39.61 11.17 -13.00
N PHE B 71 38.93 10.18 -12.41
CA PHE B 71 39.37 9.50 -11.20
C PHE B 71 39.23 7.97 -11.31
N PRO B 72 40.07 7.32 -12.12
CA PRO B 72 39.94 5.90 -12.32
C PRO B 72 40.20 5.08 -11.06
N SER B 73 40.83 5.67 -10.05
CA SER B 73 41.04 4.99 -8.80
C SER B 73 39.85 5.10 -7.84
N HIS B 74 38.79 5.84 -8.21
CA HIS B 74 37.66 5.99 -7.31
C HIS B 74 36.60 4.90 -7.63
N ALA B 75 35.73 4.70 -6.66
CA ALA B 75 34.56 3.84 -6.83
C ALA B 75 33.31 4.72 -6.98
N VAL B 76 32.28 4.07 -7.51
CA VAL B 76 30.94 4.69 -7.61
C VAL B 76 29.95 3.72 -6.93
N TYR B 77 28.80 4.30 -6.53
CA TYR B 77 27.80 3.52 -5.79
C TYR B 77 26.45 4.12 -6.12
N GLY B 78 25.51 3.24 -6.52
CA GLY B 78 24.14 3.67 -6.70
C GLY B 78 23.17 2.57 -6.40
N GLU B 79 21.88 2.96 -6.50
CA GLU B 79 20.81 2.03 -6.17
C GLU B 79 20.79 0.75 -7.01
N GLU B 80 20.89 0.89 -8.31
CA GLU B 80 20.67 -0.30 -9.16
C GLU B 80 21.79 -1.27 -9.13
N LYS B 81 23.01 -0.73 -9.22
CA LYS B 81 24.23 -1.53 -9.41
C LYS B 81 25.08 -1.69 -8.15
N GLY B 82 24.79 -0.98 -7.08
CA GLY B 82 25.60 -1.05 -5.89
C GLY B 82 27.03 -0.52 -6.17
N TRP B 83 27.99 -1.15 -5.50
CA TRP B 83 29.38 -0.79 -5.62
C TRP B 83 29.95 -1.17 -6.96
N ARG B 84 30.66 -0.25 -7.61
CA ARG B 84 31.48 -0.56 -8.78
C ARG B 84 32.81 0.20 -8.67
N CYS B 85 33.86 -0.53 -9.02
CA CYS B 85 35.23 0.07 -9.06
C CYS B 85 36.08 -0.84 -9.93
N LYS B 86 37.03 -0.25 -10.67
CA LYS B 86 37.97 -1.03 -11.50
C LYS B 86 38.93 -1.84 -10.62
N GLN B 87 39.10 -1.42 -9.38
CA GLN B 87 39.89 -2.11 -8.38
C GLN B 87 39.02 -2.67 -7.27
N ASP B 88 39.62 -3.49 -6.43
CA ASP B 88 38.95 -4.16 -5.32
C ASP B 88 38.55 -3.30 -4.15
N SER B 89 39.12 -2.13 -4.02
CA SER B 89 38.89 -1.22 -2.91
C SER B 89 39.15 0.21 -3.41
N ALA B 90 38.71 1.22 -2.64
CA ALA B 90 38.92 2.63 -3.03
C ALA B 90 38.84 3.46 -1.77
N ASP B 91 39.66 4.51 -1.69
CA ASP B 91 39.57 5.53 -0.63
C ASP B 91 38.41 6.52 -0.85
N TYR B 92 38.14 6.78 -2.13
CA TYR B 92 37.10 7.77 -2.53
C TYR B 92 35.97 7.06 -3.25
N VAL B 93 34.74 7.28 -2.76
CA VAL B 93 33.53 6.64 -3.30
C VAL B 93 32.49 7.74 -3.55
N TRP B 94 31.98 7.75 -4.79
CA TRP B 94 30.90 8.65 -5.20
C TRP B 94 29.57 7.94 -5.06
N VAL B 95 28.68 8.44 -4.21
CA VAL B 95 27.35 7.84 -3.98
C VAL B 95 26.36 8.75 -4.67
N LEU B 96 25.59 8.14 -5.58
CA LEU B 96 24.78 8.91 -6.51
C LEU B 96 23.29 8.56 -6.41
N ASP B 97 22.45 9.59 -6.54
CA ASP B 97 21.00 9.33 -6.81
C ASP B 97 20.58 10.28 -7.92
N PRO B 98 20.47 9.79 -9.16
CA PRO B 98 20.12 10.69 -10.26
C PRO B 98 18.80 11.44 -10.12
N ILE B 99 17.81 10.75 -9.57
CA ILE B 99 16.49 11.33 -9.41
C ILE B 99 15.95 10.97 -8.02
N ASP B 100 16.19 11.86 -7.04
CA ASP B 100 15.60 11.78 -5.72
C ASP B 100 14.27 12.55 -5.79
N GLY B 101 13.16 11.85 -5.57
CA GLY B 101 11.84 12.44 -5.81
C GLY B 101 11.25 11.89 -7.12
N THR B 102 11.24 10.56 -7.26
CA THR B 102 10.70 9.92 -8.46
C THR B 102 9.22 10.25 -8.71
N LYS B 103 8.45 10.39 -7.65
CA LYS B 103 7.00 10.67 -7.84
C LYS B 103 6.82 12.08 -8.35
N SER B 104 7.59 13.07 -7.86
CA SER B 104 7.59 14.40 -8.44
C SER B 104 7.99 14.37 -9.90
N PHE B 105 9.08 13.65 -10.21
CA PHE B 105 9.50 13.57 -11.62
C PHE B 105 8.35 13.05 -12.51
N ILE B 106 7.78 11.93 -12.09
CA ILE B 106 6.71 11.23 -12.89
C ILE B 106 5.53 12.15 -13.08
N THR B 107 5.21 12.98 -12.10
CA THR B 107 4.04 13.86 -12.18
C THR B 107 4.36 15.29 -12.62
N GLY B 108 5.55 15.47 -13.17
CA GLY B 108 5.91 16.76 -13.74
C GLY B 108 6.20 17.91 -12.81
N LYS B 109 6.43 17.57 -11.56
CA LYS B 109 6.70 18.57 -10.52
C LYS B 109 8.25 18.76 -10.43
N PRO B 110 8.76 19.99 -10.69
CA PRO B 110 10.17 20.17 -10.89
C PRO B 110 10.93 20.37 -9.55
N LEU B 111 10.67 19.52 -8.56
CA LEU B 111 11.30 19.59 -7.23
C LEU B 111 11.94 18.31 -6.80
N PHE B 112 12.16 17.40 -7.76
CA PHE B 112 13.08 16.28 -7.55
C PHE B 112 14.52 16.89 -7.59
N GLY B 113 15.50 16.07 -7.23
CA GLY B 113 16.88 16.51 -7.36
C GLY B 113 17.85 15.39 -7.65
N THR B 114 18.96 15.75 -8.26
CA THR B 114 20.11 14.87 -8.41
C THR B 114 21.05 15.05 -7.23
N LEU B 115 21.37 13.96 -6.58
CA LEU B 115 22.23 13.96 -5.38
C LEU B 115 23.57 13.28 -5.72
N ILE B 116 24.62 14.01 -5.39
CA ILE B 116 26.01 13.53 -5.53
C ILE B 116 26.75 13.68 -4.22
N ALA B 117 27.28 12.57 -3.70
CA ALA B 117 28.14 12.66 -2.48
C ALA B 117 29.45 12.02 -2.79
N LEU B 118 30.52 12.68 -2.34
CA LEU B 118 31.86 12.08 -2.39
C LEU B 118 32.29 11.76 -0.98
N LEU B 119 32.65 10.51 -0.73
CA LEU B 119 33.07 10.01 0.54
C LEU B 119 34.56 9.68 0.51
N GLN B 120 35.28 10.20 1.51
CA GLN B 120 36.71 9.83 1.71
C GLN B 120 36.74 8.98 2.97
N ASN B 121 37.15 7.72 2.83
CA ASN B 121 37.21 6.82 3.94
C ASN B 121 35.90 6.80 4.69
N GLY B 122 34.82 6.79 3.91
CA GLY B 122 33.49 6.68 4.48
C GLY B 122 32.81 7.95 4.93
N THR B 123 33.48 9.09 4.87
CA THR B 123 32.94 10.37 5.37
C THR B 123 32.65 11.30 4.20
N PRO B 124 31.43 11.87 4.08
CA PRO B 124 31.14 12.80 2.99
C PRO B 124 32.01 14.04 3.12
N ILE B 125 32.71 14.38 2.02
CA ILE B 125 33.50 15.60 1.94
C ILE B 125 32.93 16.61 0.95
N LEU B 126 31.97 16.18 0.10
CA LEU B 126 31.34 17.02 -0.89
C LEU B 126 29.94 16.49 -1.11
N GLY B 127 28.97 17.42 -1.22
CA GLY B 127 27.61 17.02 -1.56
C GLY B 127 27.02 18.06 -2.49
N ILE B 128 26.26 17.56 -3.49
CA ILE B 128 25.49 18.41 -4.41
C ILE B 128 24.02 18.01 -4.33
N ILE B 129 23.17 19.05 -4.26
CA ILE B 129 21.74 18.90 -4.59
C ILE B 129 21.52 19.75 -5.83
N ASP B 130 21.15 19.08 -6.94
CA ASP B 130 20.99 19.81 -8.21
C ASP B 130 19.52 19.67 -8.70
N GLN B 131 18.91 20.78 -9.00
CA GLN B 131 17.58 20.79 -9.65
C GLN B 131 17.80 21.26 -11.10
N PRO B 132 17.82 20.32 -12.06
CA PRO B 132 18.29 20.70 -13.40
C PRO B 132 17.27 21.44 -14.22
N VAL B 133 16.01 21.41 -13.83
CA VAL B 133 14.96 22.16 -14.53
C VAL B 133 14.98 23.63 -14.06
N LEU B 134 14.99 23.80 -12.73
CA LEU B 134 15.04 25.14 -12.11
C LEU B 134 16.45 25.76 -12.15
N LYS B 135 17.42 24.96 -12.53
CA LYS B 135 18.83 25.41 -12.62
C LYS B 135 19.27 25.98 -11.29
N GLU B 136 19.13 25.15 -10.26
CA GLU B 136 19.57 25.50 -8.86
C GLU B 136 20.44 24.40 -8.38
N ARG B 137 21.63 24.78 -7.88
CA ARG B 137 22.62 23.80 -7.45
C ARG B 137 23.20 24.24 -6.13
N TRP B 138 22.93 23.45 -5.09
CA TRP B 138 23.55 23.64 -3.75
C TRP B 138 24.74 22.74 -3.73
N ILE B 139 25.87 23.33 -3.27
CA ILE B 139 27.12 22.59 -3.13
C ILE B 139 27.70 22.77 -1.72
N GLY B 140 27.89 21.64 -1.05
CA GLY B 140 28.57 21.61 0.22
C GLY B 140 29.91 20.98 0.05
N ILE B 141 30.92 21.64 0.62
CA ILE B 141 32.32 21.16 0.57
C ILE B 141 32.90 21.33 1.95
N THR B 142 33.52 20.29 2.49
CA THR B 142 34.14 20.43 3.82
CA THR B 142 34.17 20.38 3.79
C THR B 142 35.19 21.50 3.78
N GLY B 143 35.05 22.43 4.74
CA GLY B 143 35.93 23.57 4.80
C GLY B 143 35.35 24.88 4.37
N LYS B 144 34.28 24.83 3.53
CA LYS B 144 33.69 26.00 2.92
C LYS B 144 32.27 26.20 3.38
N ARG B 145 31.76 27.41 3.29
CA ARG B 145 30.32 27.61 3.43
C ARG B 145 29.63 27.11 2.15
N THR B 146 28.45 26.50 2.38
CA THR B 146 27.59 26.03 1.28
C THR B 146 27.18 27.16 0.36
N THR B 147 27.10 26.85 -0.93
CA THR B 147 26.62 27.82 -1.91
C THR B 147 25.38 27.31 -2.67
N LEU B 148 24.58 28.26 -3.15
CA LEU B 148 23.48 28.04 -4.10
C LEU B 148 23.87 28.88 -5.33
N ASN B 149 24.08 28.22 -6.47
CA ASN B 149 24.51 28.89 -7.68
C ASN B 149 25.65 29.90 -7.45
N GLY B 150 26.59 29.43 -6.64
CA GLY B 150 27.81 30.13 -6.33
C GLY B 150 27.76 31.19 -5.28
N GLN B 151 26.60 31.46 -4.70
CA GLN B 151 26.42 32.40 -3.63
C GLN B 151 26.29 31.71 -2.30
N GLU B 152 27.00 32.18 -1.27
CA GLU B 152 26.92 31.54 0.05
C GLU B 152 25.51 31.65 0.63
N VAL B 153 25.15 30.58 1.34
CA VAL B 153 23.84 30.48 1.99
C VAL B 153 24.03 30.19 3.47
N SER B 154 22.97 30.44 4.23
CA SER B 154 22.95 30.12 5.65
C SER B 154 21.60 29.65 6.09
N THR B 155 21.58 28.74 7.07
CA THR B 155 20.34 28.45 7.82
C THR B 155 19.94 29.64 8.62
N ARG B 156 18.74 29.62 9.14
CA ARG B 156 18.19 30.67 10.04
C ARG B 156 17.99 30.14 11.44
N THR B 157 17.96 31.08 12.40
CA THR B 157 17.60 30.76 13.76
C THR B 157 16.10 30.56 13.83
N CYS B 158 15.68 29.87 14.87
CA CYS B 158 14.24 29.67 15.16
C CYS B 158 14.09 29.61 16.66
N ALA B 159 13.19 30.43 17.23
CA ALA B 159 13.09 30.62 18.69
C ALA B 159 12.59 29.41 19.48
N ASP B 160 11.82 28.50 18.86
CA ASP B 160 11.15 27.37 19.57
C ASP B 160 10.53 26.43 18.54
N LEU B 161 10.42 25.17 18.89
CA LEU B 161 9.78 24.20 18.04
C LEU B 161 8.39 24.66 17.57
N SER B 162 7.66 25.34 18.45
CA SER B 162 6.33 25.91 18.14
C SER B 162 6.31 26.92 17.01
N GLN B 163 7.47 27.46 16.65
CA GLN B 163 7.65 28.41 15.58
C GLN B 163 8.27 27.85 14.34
N ALA B 164 8.55 26.55 14.36
CA ALA B 164 9.25 25.92 13.26
C ALA B 164 8.36 25.50 12.08
N TYR B 165 8.84 25.79 10.88
CA TYR B 165 8.27 25.23 9.65
C TYR B 165 8.94 23.90 9.41
N LEU B 166 8.15 22.83 9.32
CA LEU B 166 8.60 21.48 9.15
C LEU B 166 8.20 20.97 7.77
N TYR B 167 9.09 20.27 7.10
CA TYR B 167 8.76 19.49 5.90
C TYR B 167 9.04 18.02 6.10
N THR B 168 8.26 17.22 5.37
CA THR B 168 8.59 15.83 5.13
C THR B 168 7.98 15.41 3.79
N THR B 169 8.51 14.38 3.15
CA THR B 169 8.04 14.08 1.78
C THR B 169 6.55 13.71 1.80
N SER B 170 6.14 12.82 2.70
CA SER B 170 4.79 12.27 2.67
C SER B 170 4.37 11.80 4.02
N PRO B 171 3.08 12.03 4.38
CA PRO B 171 2.59 11.50 5.64
C PRO B 171 2.57 9.97 5.69
N HIS B 172 2.62 9.34 4.51
CA HIS B 172 2.49 7.88 4.45
C HIS B 172 3.79 7.15 4.53
N LEU B 173 4.90 7.90 4.59
CA LEU B 173 6.23 7.27 4.64
C LEU B 173 6.72 7.15 6.08
N PHE B 174 5.84 6.78 6.98
CA PHE B 174 6.09 6.44 8.36
C PHE B 174 5.21 5.30 8.72
N SER B 175 5.72 4.38 9.54
CA SER B 175 4.96 3.27 10.03
C SER B 175 5.27 3.03 11.49
N GLY B 176 4.36 2.38 12.22
CA GLY B 176 4.68 1.86 13.52
C GLY B 176 5.18 2.88 14.49
N ASP B 177 6.24 2.48 15.20
CA ASP B 177 6.80 3.34 16.23
C ASP B 177 7.35 4.64 15.62
N ALA B 178 7.87 4.56 14.39
CA ALA B 178 8.39 5.77 13.73
C ALA B 178 7.27 6.80 13.44
N GLU B 179 6.08 6.31 13.04
CA GLU B 179 4.94 7.18 12.85
C GLU B 179 4.53 7.87 14.16
N GLU B 180 4.55 7.12 15.25
CA GLU B 180 4.18 7.68 16.53
C GLU B 180 5.19 8.79 16.89
N ALA B 181 6.48 8.57 16.63
CA ALA B 181 7.49 9.56 16.96
C ALA B 181 7.36 10.81 16.09
N PHE B 182 7.13 10.59 14.80
CA PHE B 182 6.88 11.70 13.88
C PHE B 182 5.69 12.54 14.32
N ILE B 183 4.58 11.88 14.71
CA ILE B 183 3.42 12.62 15.12
C ILE B 183 3.71 13.50 16.34
N ARG B 184 4.55 13.00 17.28
CA ARG B 184 4.89 13.82 18.46
C ARG B 184 5.55 15.14 18.02
N VAL B 185 6.45 15.09 17.06
CA VAL B 185 7.11 16.29 16.55
C VAL B 185 6.12 17.17 15.73
N ARG B 186 5.41 16.49 14.83
CA ARG B 186 4.48 17.15 13.93
C ARG B 186 3.50 18.01 14.67
N ASP B 187 3.01 17.48 15.78
CA ASP B 187 1.97 18.20 16.52
C ASP B 187 2.46 19.40 17.32
N LYS B 188 3.79 19.51 17.44
CA LYS B 188 4.48 20.59 18.20
C LYS B 188 4.98 21.73 17.35
N VAL B 189 5.14 21.53 16.04
CA VAL B 189 5.69 22.58 15.18
C VAL B 189 4.64 23.61 14.79
N LYS B 190 5.08 24.70 14.15
CA LYS B 190 4.15 25.70 13.71
C LYS B 190 3.19 25.12 12.64
N ILE B 191 3.76 24.43 11.67
CA ILE B 191 2.97 23.77 10.61
C ILE B 191 3.82 22.72 9.94
N PRO B 192 3.22 21.56 9.64
CA PRO B 192 3.86 20.55 8.86
C PRO B 192 3.46 20.66 7.40
N LEU B 193 4.47 20.62 6.52
CA LEU B 193 4.31 20.77 5.09
C LEU B 193 4.91 19.56 4.42
N TYR B 194 4.45 19.32 3.18
CA TYR B 194 4.77 18.09 2.49
C TYR B 194 5.21 18.22 1.04
N GLY B 195 5.92 17.20 0.55
CA GLY B 195 5.98 16.91 -0.87
C GLY B 195 7.20 16.94 -1.71
N CYS B 196 8.39 17.29 -1.14
CA CYS B 196 9.49 17.58 -2.03
C CYS B 196 10.87 17.03 -1.73
N ASP B 197 10.95 15.92 -1.02
CA ASP B 197 12.18 15.12 -1.05
C ASP B 197 13.41 15.99 -0.65
N CYS B 198 14.50 15.84 -1.42
CA CYS B 198 15.74 16.60 -1.11
C CYS B 198 15.56 18.07 -1.14
N TYR B 199 14.58 18.58 -1.91
CA TYR B 199 14.44 20.01 -2.10
C TYR B 199 14.13 20.69 -0.72
N ALA B 200 13.42 19.98 0.19
CA ALA B 200 13.14 20.58 1.50
C ALA B 200 14.44 20.85 2.28
N TYR B 201 15.40 19.96 2.11
CA TYR B 201 16.71 20.12 2.81
C TYR B 201 17.46 21.21 2.18
N ALA B 202 17.36 21.42 0.87
CA ALA B 202 17.94 22.57 0.19
C ALA B 202 17.36 23.86 0.72
N LEU B 203 16.03 23.93 0.86
CA LEU B 203 15.39 25.11 1.43
C LEU B 203 15.81 25.37 2.86
N LEU B 204 15.97 24.34 3.65
CA LEU B 204 16.48 24.46 5.04
C LEU B 204 17.89 25.06 4.98
N SER B 205 18.73 24.59 4.07
CA SER B 205 20.10 25.09 3.93
C SER B 205 20.15 26.55 3.55
N SER B 206 19.16 27.01 2.81
CA SER B 206 19.06 28.42 2.42
C SER B 206 18.33 29.30 3.41
N GLY B 207 17.83 28.70 4.51
CA GLY B 207 17.17 29.46 5.58
C GLY B 207 15.71 29.78 5.45
N PHE B 208 14.99 28.93 4.71
CA PHE B 208 13.55 29.10 4.50
C PHE B 208 12.70 28.04 5.20
N VAL B 209 13.31 27.02 5.75
CA VAL B 209 12.67 25.91 6.41
C VAL B 209 13.47 25.67 7.68
N ASP B 210 12.78 25.24 8.75
CA ASP B 210 13.45 25.01 10.05
C ASP B 210 13.77 23.62 10.38
N LEU B 211 12.98 22.65 9.91
CA LEU B 211 13.07 21.27 10.30
C LEU B 211 12.64 20.35 9.15
N VAL B 212 13.37 19.27 8.95
CA VAL B 212 12.98 18.17 8.05
C VAL B 212 13.12 16.86 8.81
N VAL B 213 12.06 16.06 8.88
CA VAL B 213 12.04 14.81 9.61
C VAL B 213 11.55 13.74 8.68
N GLU B 214 12.35 12.69 8.42
CA GLU B 214 11.99 11.62 7.50
C GLU B 214 12.43 10.28 8.05
N SER B 215 11.74 9.20 7.65
CA SER B 215 12.03 7.84 8.05
C SER B 215 12.18 6.97 6.81
N GLY B 216 13.16 6.10 6.81
CA GLY B 216 13.30 5.16 5.75
C GLY B 216 14.12 5.55 4.54
N LEU B 217 14.97 6.54 4.75
CA LEU B 217 15.88 6.97 3.65
C LEU B 217 17.06 5.98 3.46
N LYS B 218 17.43 5.73 2.22
CA LYS B 218 18.65 4.97 1.92
C LYS B 218 19.82 5.94 1.81
N PRO B 219 21.06 5.43 1.91
CA PRO B 219 22.22 6.34 1.93
C PRO B 219 22.37 7.22 0.74
N TYR B 220 21.96 6.77 -0.45
CA TYR B 220 22.06 7.62 -1.62
C TYR B 220 21.06 8.82 -1.56
N ASP B 221 20.06 8.70 -0.69
CA ASP B 221 19.06 9.75 -0.47
C ASP B 221 19.50 10.80 0.57
N PHE B 222 20.54 10.53 1.38
CA PHE B 222 20.88 11.53 2.40
C PHE B 222 22.36 11.93 2.46
N LEU B 223 23.28 11.14 1.94
CA LEU B 223 24.71 11.45 2.18
C LEU B 223 25.04 12.83 1.62
N ALA B 224 24.53 13.18 0.44
CA ALA B 224 24.85 14.44 -0.20
C ALA B 224 24.37 15.61 0.65
N LEU B 225 23.28 15.38 1.40
CA LEU B 225 22.67 16.43 2.22
C LEU B 225 23.60 16.89 3.33
N ILE B 226 24.47 15.99 3.80
CA ILE B 226 25.23 16.27 5.04
C ILE B 226 26.19 17.47 4.90
N PRO B 227 27.06 17.45 3.88
CA PRO B 227 27.93 18.63 3.75
C PRO B 227 27.17 19.90 3.40
N VAL B 228 26.08 19.74 2.61
CA VAL B 228 25.24 20.88 2.30
C VAL B 228 24.67 21.55 3.54
N ILE B 229 24.02 20.77 4.36
CA ILE B 229 23.34 21.30 5.55
C ILE B 229 24.39 21.80 6.55
N GLU B 230 25.38 20.97 6.85
CA GLU B 230 26.35 21.37 7.90
C GLU B 230 27.10 22.62 7.46
N GLY B 231 27.47 22.71 6.19
CA GLY B 231 28.16 23.87 5.71
C GLY B 231 27.35 25.13 5.58
N SER B 232 26.02 25.04 5.79
CA SER B 232 25.16 26.18 5.85
C SER B 232 24.91 26.62 7.31
N GLY B 233 25.41 25.86 8.32
CA GLY B 233 25.17 26.21 9.69
C GLY B 233 24.13 25.34 10.37
N GLY B 234 23.61 24.33 9.68
CA GLY B 234 22.62 23.46 10.20
C GLY B 234 23.15 22.21 10.85
N VAL B 235 22.24 21.34 11.28
CA VAL B 235 22.53 20.10 11.96
CA VAL B 235 22.57 20.07 11.89
C VAL B 235 21.70 18.97 11.27
N ILE B 236 22.28 17.80 11.06
CA ILE B 236 21.57 16.68 10.50
C ILE B 236 22.12 15.41 11.14
N THR B 237 21.22 14.60 11.73
CA THR B 237 21.61 13.40 12.47
C THR B 237 20.56 12.31 12.26
N ASP B 238 20.80 11.14 12.83
CA ASP B 238 19.73 10.18 12.99
C ASP B 238 18.80 10.60 14.14
N TRP B 239 17.75 9.80 14.40
CA TRP B 239 16.75 10.24 15.38
C TRP B 239 17.18 10.15 16.85
N LYS B 240 18.36 9.55 17.09
CA LYS B 240 18.98 9.60 18.40
C LYS B 240 19.97 10.73 18.56
N GLY B 241 20.20 11.48 17.50
CA GLY B 241 21.16 12.57 17.49
C GLY B 241 22.56 12.11 17.19
N HIS B 242 22.73 10.87 16.71
CA HIS B 242 24.03 10.36 16.32
C HIS B 242 24.38 10.69 14.88
N GLN B 243 25.67 10.74 14.58
CA GLN B 243 26.13 11.00 13.25
C GLN B 243 25.51 9.97 12.26
N LEU B 244 25.07 10.46 11.09
CA LEU B 244 24.61 9.58 10.04
C LEU B 244 25.83 9.17 9.36
N ARG B 245 26.11 7.90 9.40
CA ARG B 245 27.29 7.38 8.79
C ARG B 245 26.96 6.09 8.11
N TRP B 246 27.47 5.98 6.91
CA TRP B 246 27.34 4.78 6.11
C TRP B 246 28.53 4.67 5.16
N GLU B 247 29.34 3.67 5.42
CA GLU B 247 30.58 3.46 4.67
C GLU B 247 30.18 2.62 3.40
N ALA B 248 30.27 3.19 2.24
CA ALA B 248 30.06 2.51 0.95
C ALA B 248 31.33 1.65 0.70
N SER B 249 31.12 0.37 0.41
CA SER B 249 32.20 -0.59 0.27
C SER B 249 31.68 -1.74 -0.59
N PRO B 250 32.55 -2.64 -1.00
CA PRO B 250 32.07 -3.80 -1.72
C PRO B 250 31.03 -4.64 -1.02
N LEU B 251 31.03 -4.63 0.33
CA LEU B 251 30.12 -5.48 1.12
C LEU B 251 29.05 -4.72 1.88
N SER B 252 29.04 -3.40 1.76
CA SER B 252 28.04 -2.60 2.44
C SER B 252 26.62 -2.96 1.88
N ILE B 253 25.66 -2.87 2.80
CA ILE B 253 24.22 -3.07 2.52
C ILE B 253 23.53 -1.74 2.69
N ALA B 254 22.77 -1.33 1.67
CA ALA B 254 22.03 -0.06 1.68
C ALA B 254 20.76 -0.12 2.52
N THR B 255 20.99 -0.05 3.82
CA THR B 255 19.97 -0.09 4.80
C THR B 255 19.25 1.28 4.93
N SER B 256 18.15 1.26 5.71
CA SER B 256 17.31 2.42 5.85
C SER B 256 17.69 3.19 7.12
N PHE B 257 17.54 4.51 7.04
CA PHE B 257 17.85 5.43 8.12
C PHE B 257 16.73 6.39 8.37
N ASN B 258 16.65 6.80 9.62
CA ASN B 258 15.77 7.94 10.00
C ASN B 258 16.63 9.18 10.15
N VAL B 259 16.17 10.30 9.60
CA VAL B 259 16.89 11.57 9.50
C VAL B 259 16.13 12.70 10.13
N VAL B 260 16.85 13.56 10.85
CA VAL B 260 16.28 14.83 11.33
C VAL B 260 17.31 15.90 11.04
N ALA B 261 16.91 16.92 10.34
CA ALA B 261 17.71 18.07 10.00
C ALA B 261 17.05 19.31 10.50
N ALA B 262 17.87 20.24 11.00
CA ALA B 262 17.37 21.51 11.51
C ALA B 262 18.28 22.67 11.11
N GLY B 263 17.70 23.85 10.92
CA GLY B 263 18.50 25.05 10.74
C GLY B 263 19.24 25.51 12.01
N ASP B 264 18.69 25.19 13.15
CA ASP B 264 19.07 25.72 14.45
C ASP B 264 19.26 24.56 15.41
N LYS B 265 20.45 24.49 16.04
CA LYS B 265 20.79 23.45 16.99
C LYS B 265 19.77 23.29 18.07
N GLN B 266 19.20 24.40 18.56
CA GLN B 266 18.28 24.31 19.70
C GLN B 266 16.96 23.59 19.28
N ILE B 267 16.51 23.89 18.07
CA ILE B 267 15.35 23.22 17.51
C ILE B 267 15.63 21.77 17.27
N HIS B 268 16.83 21.46 16.76
CA HIS B 268 17.21 20.06 16.59
C HIS B 268 17.06 19.28 17.90
N GLN B 269 17.57 19.84 19.01
CA GLN B 269 17.51 19.10 20.25
C GLN B 269 16.03 18.95 20.69
N GLN B 270 15.22 20.01 20.54
CA GLN B 270 13.80 19.90 20.91
C GLN B 270 13.17 18.79 20.08
N ALA B 271 13.51 18.70 18.81
CA ALA B 271 12.96 17.61 17.99
C ALA B 271 13.40 16.25 18.45
N LEU B 272 14.69 16.10 18.79
CA LEU B 272 15.12 14.83 19.38
C LEU B 272 14.35 14.48 20.65
N ASP B 273 14.15 15.46 21.49
CA ASP B 273 13.39 15.26 22.75
C ASP B 273 11.99 14.73 22.46
N SER B 274 11.36 15.24 21.40
CA SER B 274 10.00 14.78 21.05
C SER B 274 9.97 13.41 20.39
N LEU B 275 10.93 13.13 19.53
CA LEU B 275 11.01 11.85 18.84
C LEU B 275 11.16 10.68 19.85
N GLN B 276 11.84 10.93 20.98
CA GLN B 276 11.98 9.96 22.07
C GLN B 276 12.50 8.62 21.52
N TRP B 277 13.53 8.69 20.67
CA TRP B 277 14.00 7.50 19.91
C TRP B 277 15.11 6.78 20.71
N GLN C 13 -38.47 -3.57 2.59
CA GLN C 13 -38.52 -4.77 3.48
C GLN C 13 -37.24 -5.61 3.43
N LEU C 14 -36.52 -5.63 2.28
CA LEU C 14 -35.15 -6.22 2.22
C LEU C 14 -34.26 -5.51 3.26
N ASN C 15 -34.52 -4.24 3.68
CA ASN C 15 -33.66 -3.59 4.76
C ASN C 15 -33.86 -4.22 6.12
N HIS C 16 -35.10 -4.55 6.41
CA HIS C 16 -35.38 -5.23 7.67
C HIS C 16 -34.79 -6.64 7.59
N PHE C 17 -34.98 -7.31 6.46
CA PHE C 17 -34.37 -8.62 6.31
C PHE C 17 -32.86 -8.59 6.54
N SER C 18 -32.18 -7.57 5.98
CA SER C 18 -30.69 -7.37 6.13
C SER C 18 -30.36 -7.18 7.59
N ASP C 19 -31.13 -6.32 8.24
CA ASP C 19 -30.85 -6.05 9.67
C ASP C 19 -30.96 -7.30 10.52
N VAL C 20 -32.00 -8.10 10.27
CA VAL C 20 -32.18 -9.30 11.09
C VAL C 20 -31.13 -10.35 10.71
N ALA C 21 -30.81 -10.46 9.43
CA ALA C 21 -29.74 -11.40 8.98
C ALA C 21 -28.40 -11.06 9.69
N ASN C 22 -28.08 -9.78 9.75
CA ASN C 22 -26.90 -9.33 10.50
C ASN C 22 -26.94 -9.67 11.97
N LYS C 23 -28.09 -9.45 12.59
CA LYS C 23 -28.24 -9.86 13.99
C LYS C 23 -28.08 -11.38 14.20
N ALA C 24 -28.58 -12.16 13.25
CA ALA C 24 -28.44 -13.63 13.32
C ALA C 24 -26.96 -14.02 13.20
N ALA C 25 -26.27 -13.39 12.22
CA ALA C 25 -24.81 -13.68 12.06
C ALA C 25 -24.04 -13.25 13.31
N ASN C 26 -24.40 -12.12 13.90
CA ASN C 26 -23.73 -11.70 15.17
C ASN C 26 -23.93 -12.71 16.26
N ALA C 27 -25.14 -13.28 16.35
CA ALA C 27 -25.45 -14.28 17.42
C ALA C 27 -24.68 -15.59 17.19
N ALA C 28 -24.55 -16.01 15.95
CA ALA C 28 -23.75 -17.19 15.61
C ALA C 28 -22.28 -16.96 15.97
N GLY C 29 -21.76 -15.79 15.66
CA GLY C 29 -20.33 -15.48 15.88
C GLY C 29 -20.00 -15.50 17.35
N ASP C 30 -20.87 -14.90 18.17
CA ASP C 30 -20.66 -14.93 19.64
C ASP C 30 -20.65 -16.41 20.16
N VAL C 31 -21.50 -17.30 19.64
CA VAL C 31 -21.45 -18.70 20.04
C VAL C 31 -20.13 -19.30 19.59
N ILE C 32 -19.81 -19.15 18.34
CA ILE C 32 -18.69 -19.85 17.75
C ILE C 32 -17.37 -19.45 18.43
N ARG C 33 -17.19 -18.18 18.75
CA ARG C 33 -15.97 -17.69 19.43
C ARG C 33 -15.82 -18.29 20.82
N LYS C 34 -16.87 -18.79 21.44
CA LYS C 34 -16.76 -19.48 22.73
C LYS C 34 -16.06 -20.82 22.64
N TYR C 35 -16.06 -21.44 21.47
CA TYR C 35 -15.63 -22.78 21.24
C TYR C 35 -14.38 -22.88 20.40
N PHE C 36 -14.18 -21.97 19.45
CA PHE C 36 -13.08 -22.06 18.54
C PHE C 36 -11.73 -21.91 19.27
N ARG C 37 -10.85 -22.88 19.03
CA ARG C 37 -9.50 -22.89 19.63
C ARG C 37 -9.55 -22.76 21.15
N LYS C 38 -10.55 -23.32 21.78
CA LYS C 38 -10.62 -23.19 23.24
C LYS C 38 -10.17 -24.48 23.82
N ASN C 39 -9.73 -24.43 25.09
CA ASN C 39 -9.38 -25.64 25.86
C ASN C 39 -10.62 -26.55 26.01
N ASN C 40 -11.79 -25.94 26.25
CA ASN C 40 -13.07 -26.70 26.37
C ASN C 40 -12.98 -27.80 27.49
N PHE C 41 -12.53 -27.40 28.69
CA PHE C 41 -12.24 -28.33 29.85
C PHE C 41 -13.45 -28.81 30.67
N LEU C 49 -20.85 -35.17 23.23
CA LEU C 49 -20.65 -34.48 21.92
C LEU C 49 -19.28 -33.78 21.79
N SER C 50 -18.94 -33.37 20.57
CA SER C 50 -17.65 -32.69 20.26
C SER C 50 -17.82 -31.15 20.32
N PRO C 51 -16.71 -30.38 20.48
CA PRO C 51 -16.82 -28.91 20.45
C PRO C 51 -17.49 -28.42 19.18
N VAL C 52 -17.16 -29.01 18.02
CA VAL C 52 -17.75 -28.50 16.76
C VAL C 52 -19.27 -28.72 16.67
N THR C 53 -19.73 -29.86 17.18
CA THR C 53 -21.15 -30.21 17.17
C THR C 53 -21.90 -29.30 18.11
N ILE C 54 -21.36 -29.11 19.29
CA ILE C 54 -21.96 -28.23 20.30
C ILE C 54 -22.06 -26.79 19.73
N ALA C 55 -20.94 -26.29 19.19
CA ALA C 55 -20.86 -24.94 18.63
C ALA C 55 -21.85 -24.80 17.45
N ASP C 56 -21.90 -25.78 16.57
CA ASP C 56 -22.83 -25.77 15.40
C ASP C 56 -24.27 -25.71 15.87
N GLN C 57 -24.62 -26.62 16.80
CA GLN C 57 -26.00 -26.66 17.30
C GLN C 57 -26.41 -25.39 18.02
N SER C 58 -25.56 -24.93 18.89
CA SER C 58 -25.83 -23.68 19.68
C SER C 58 -25.91 -22.50 18.77
N ALA C 59 -25.05 -22.43 17.74
CA ALA C 59 -25.08 -21.30 16.84
C ALA C 59 -26.35 -21.32 16.00
N GLU C 60 -26.75 -22.48 15.54
CA GLU C 60 -28.00 -22.55 14.78
C GLU C 60 -29.20 -22.14 15.65
N GLU C 61 -29.22 -22.62 16.90
CA GLU C 61 -30.35 -22.33 17.78
C GLU C 61 -30.40 -20.81 17.96
N ALA C 62 -29.22 -20.18 18.14
CA ALA C 62 -29.15 -18.75 18.36
C ALA C 62 -29.67 -17.96 17.15
N MET C 63 -29.28 -18.39 15.96
CA MET C 63 -29.76 -17.72 14.74
C MET C 63 -31.26 -17.86 14.59
N VAL C 64 -31.74 -19.09 14.79
CA VAL C 64 -33.20 -19.37 14.68
C VAL C 64 -34.00 -18.50 15.64
N SER C 65 -33.53 -18.38 16.88
CA SER C 65 -34.17 -17.56 17.88
C SER C 65 -34.34 -16.10 17.41
N VAL C 66 -33.27 -15.53 16.86
CA VAL C 66 -33.26 -14.13 16.36
C VAL C 66 -34.25 -14.02 15.17
N ILE C 67 -34.14 -14.95 14.25
CA ILE C 67 -34.96 -14.88 13.06
C ILE C 67 -36.46 -14.91 13.38
N LEU C 68 -36.81 -15.92 14.16
CA LEU C 68 -38.22 -16.13 14.50
C LEU C 68 -38.76 -15.13 15.50
N ASP C 69 -37.93 -14.53 16.35
CA ASP C 69 -38.37 -13.37 17.22
C ASP C 69 -38.92 -12.29 16.29
N ASN C 70 -38.19 -12.03 15.20
CA ASN C 70 -38.51 -10.97 14.26
C ASN C 70 -39.59 -11.30 13.21
N PHE C 71 -39.60 -12.56 12.77
CA PHE C 71 -40.43 -13.10 11.66
C PHE C 71 -41.08 -14.41 12.05
N PRO C 72 -42.10 -14.35 12.97
CA PRO C 72 -42.73 -15.61 13.43
C PRO C 72 -43.34 -16.48 12.38
N SER C 73 -43.73 -15.87 11.24
CA SER C 73 -44.36 -16.58 10.13
C SER C 73 -43.34 -17.08 9.07
N HIS C 74 -42.03 -16.90 9.31
CA HIS C 74 -41.05 -17.49 8.39
C HIS C 74 -40.73 -18.91 8.76
N ALA C 75 -40.11 -19.65 7.84
CA ALA C 75 -39.61 -20.94 8.11
C ALA C 75 -38.07 -20.85 8.21
N VAL C 76 -37.50 -21.89 8.84
CA VAL C 76 -36.05 -22.10 8.90
C VAL C 76 -35.73 -23.51 8.45
N TYR C 77 -34.50 -23.70 8.03
CA TYR C 77 -34.03 -24.96 7.47
C TYR C 77 -32.55 -25.12 7.79
N GLY C 78 -32.20 -26.25 8.40
CA GLY C 78 -30.78 -26.61 8.58
C GLY C 78 -30.56 -28.05 8.37
N GLU C 79 -29.29 -28.44 8.36
CA GLU C 79 -28.91 -29.81 8.12
C GLU C 79 -29.48 -30.81 9.13
N GLU C 80 -29.34 -30.47 10.43
CA GLU C 80 -29.70 -31.35 11.57
C GLU C 80 -31.21 -31.52 11.65
N LYS C 81 -31.92 -30.39 11.73
CA LYS C 81 -33.35 -30.42 12.09
C LYS C 81 -34.28 -30.24 10.88
N GLY C 82 -33.74 -29.92 9.68
CA GLY C 82 -34.56 -29.75 8.48
C GLY C 82 -35.48 -28.58 8.60
N TRP C 83 -36.63 -28.69 7.97
CA TRP C 83 -37.63 -27.64 7.93
C TRP C 83 -38.37 -27.47 9.24
N ARG C 84 -38.51 -26.23 9.70
CA ARG C 84 -39.31 -25.94 10.87
C ARG C 84 -40.10 -24.67 10.59
N CYS C 85 -41.39 -24.72 10.85
CA CYS C 85 -42.23 -23.56 10.70
C CYS C 85 -43.49 -23.72 11.60
N LYS C 86 -43.95 -22.64 12.23
CA LYS C 86 -45.19 -22.65 12.97
C LYS C 86 -46.42 -22.89 12.10
N GLN C 87 -46.28 -22.61 10.78
CA GLN C 87 -47.42 -22.93 9.87
C GLN C 87 -46.99 -23.96 8.84
N ASP C 88 -47.96 -24.43 8.03
CA ASP C 88 -47.79 -25.53 7.07
C ASP C 88 -46.96 -25.12 5.86
N SER C 89 -46.83 -23.80 5.65
CA SER C 89 -46.11 -23.24 4.53
C SER C 89 -45.56 -21.85 4.96
N ALA C 90 -44.60 -21.37 4.16
CA ALA C 90 -43.99 -20.05 4.36
C ALA C 90 -43.50 -19.54 3.01
N ASP C 91 -43.68 -18.24 2.77
CA ASP C 91 -43.13 -17.55 1.59
C ASP C 91 -41.63 -17.35 1.76
N TYR C 92 -41.19 -17.14 3.01
CA TYR C 92 -39.77 -16.84 3.31
C TYR C 92 -39.19 -17.98 4.16
N VAL C 93 -38.04 -18.47 3.74
CA VAL C 93 -37.35 -19.59 4.37
C VAL C 93 -35.88 -19.20 4.53
N TRP C 94 -35.40 -19.34 5.75
CA TRP C 94 -33.97 -19.08 6.07
C TRP C 94 -33.24 -20.36 6.11
N VAL C 95 -32.24 -20.53 5.25
CA VAL C 95 -31.46 -21.75 5.17
C VAL C 95 -30.08 -21.44 5.79
N LEU C 96 -29.73 -22.21 6.79
CA LEU C 96 -28.55 -21.96 7.57
C LEU C 96 -27.52 -23.05 7.60
N ASP C 97 -26.27 -22.60 7.65
CA ASP C 97 -25.11 -23.45 7.88
C ASP C 97 -24.20 -22.71 8.87
N PRO C 98 -24.35 -23.12 10.18
CA PRO C 98 -23.55 -22.40 11.18
C PRO C 98 -22.03 -22.48 11.01
N ILE C 99 -21.56 -23.65 10.61
CA ILE C 99 -20.14 -23.90 10.40
C ILE C 99 -19.93 -24.65 9.12
N ASP C 100 -19.67 -23.93 8.06
CA ASP C 100 -19.24 -24.48 6.79
C ASP C 100 -17.70 -24.52 6.77
N GLY C 101 -17.18 -25.72 6.78
CA GLY C 101 -15.77 -25.93 7.00
C GLY C 101 -15.47 -26.48 8.38
N THR C 102 -16.13 -27.60 8.66
CA THR C 102 -15.96 -28.20 9.98
C THR C 102 -14.50 -28.61 10.28
N LYS C 103 -13.82 -29.13 9.26
CA LYS C 103 -12.46 -29.59 9.44
C LYS C 103 -11.52 -28.44 9.77
N SER C 104 -11.73 -27.30 9.13
CA SER C 104 -10.98 -26.08 9.46
C SER C 104 -11.29 -25.66 10.90
N PHE C 105 -12.58 -25.68 11.31
CA PHE C 105 -12.90 -25.31 12.66
C PHE C 105 -12.18 -26.23 13.66
N ILE C 106 -12.25 -27.54 13.45
CA ILE C 106 -11.71 -28.55 14.38
C ILE C 106 -10.19 -28.36 14.51
N THR C 107 -9.54 -27.99 13.41
CA THR C 107 -8.08 -27.85 13.42
C THR C 107 -7.61 -26.44 13.65
N GLY C 108 -8.48 -25.54 14.06
CA GLY C 108 -8.03 -24.20 14.44
C GLY C 108 -7.75 -23.26 13.30
N LYS C 109 -8.18 -23.59 12.08
CA LYS C 109 -7.94 -22.78 10.89
C LYS C 109 -9.10 -21.83 10.73
N PRO C 110 -8.90 -20.51 10.76
CA PRO C 110 -9.99 -19.53 10.87
C PRO C 110 -10.61 -19.14 9.51
N LEU C 111 -10.85 -20.13 8.66
CA LEU C 111 -11.43 -19.91 7.32
C LEU C 111 -12.71 -20.69 7.10
N PHE C 112 -13.28 -21.25 8.13
CA PHE C 112 -14.66 -21.72 8.06
C PHE C 112 -15.57 -20.52 7.97
N GLY C 113 -16.87 -20.73 7.66
CA GLY C 113 -17.79 -19.62 7.68
C GLY C 113 -19.17 -20.00 8.16
N THR C 114 -19.91 -19.01 8.57
CA THR C 114 -21.36 -19.17 8.80
C THR C 114 -22.08 -18.67 7.54
N LEU C 115 -22.98 -19.51 7.01
CA LEU C 115 -23.76 -19.16 5.83
C LEU C 115 -25.23 -18.96 6.20
N ILE C 116 -25.79 -17.88 5.74
CA ILE C 116 -27.21 -17.53 5.94
C ILE C 116 -27.77 -17.17 4.58
N ALA C 117 -28.83 -17.88 4.17
CA ALA C 117 -29.55 -17.54 2.95
C ALA C 117 -31.03 -17.32 3.29
N LEU C 118 -31.62 -16.26 2.74
CA LEU C 118 -33.06 -16.05 2.82
C LEU C 118 -33.63 -16.28 1.43
N LEU C 119 -34.59 -17.21 1.35
CA LEU C 119 -35.27 -17.56 0.12
C LEU C 119 -36.71 -17.03 0.14
N GLN C 120 -37.06 -16.32 -0.93
CA GLN C 120 -38.44 -15.88 -1.16
C GLN C 120 -39.01 -16.75 -2.28
N ASN C 121 -40.04 -17.55 -1.97
CA ASN C 121 -40.62 -18.42 -2.97
C ASN C 121 -39.55 -19.28 -3.63
N GLY C 122 -38.62 -19.78 -2.83
CA GLY C 122 -37.58 -20.64 -3.32
C GLY C 122 -36.34 -20.03 -3.97
N THR C 123 -36.29 -18.70 -4.05
CA THR C 123 -35.17 -18.02 -4.70
C THR C 123 -34.39 -17.22 -3.61
N PRO C 124 -33.06 -17.42 -3.53
CA PRO C 124 -32.31 -16.62 -2.59
C PRO C 124 -32.31 -15.16 -2.94
N ILE C 125 -32.69 -14.36 -1.96
CA ILE C 125 -32.73 -12.90 -2.07
C ILE C 125 -31.65 -12.21 -1.20
N LEU C 126 -31.05 -12.99 -0.31
CA LEU C 126 -30.02 -12.43 0.62
C LEU C 126 -29.15 -13.61 0.96
N GLY C 127 -27.85 -13.37 0.96
CA GLY C 127 -26.85 -14.34 1.43
C GLY C 127 -25.75 -13.64 2.23
N ILE C 128 -25.34 -14.32 3.28
CA ILE C 128 -24.19 -13.89 4.07
C ILE C 128 -23.17 -14.99 4.17
N ILE C 129 -21.90 -14.62 3.95
CA ILE C 129 -20.74 -15.42 4.34
C ILE C 129 -20.06 -14.68 5.50
N ASP C 130 -20.06 -15.26 6.70
CA ASP C 130 -19.47 -14.58 7.83
C ASP C 130 -18.30 -15.38 8.36
N GLN C 131 -17.17 -14.72 8.51
CA GLN C 131 -15.99 -15.31 9.22
C GLN C 131 -15.86 -14.62 10.58
N PRO C 132 -16.39 -15.25 11.65
CA PRO C 132 -16.52 -14.51 12.90
C PRO C 132 -15.19 -14.25 13.65
N VAL C 133 -14.16 -15.00 13.32
CA VAL C 133 -12.83 -14.84 13.96
C VAL C 133 -12.08 -13.68 13.28
N LEU C 134 -12.08 -13.68 11.95
CA LEU C 134 -11.47 -12.65 11.18
C LEU C 134 -12.30 -11.37 11.09
N LYS C 135 -13.55 -11.47 11.51
CA LYS C 135 -14.47 -10.34 11.47
C LYS C 135 -14.64 -9.79 10.03
N GLU C 136 -14.96 -10.73 9.13
CA GLU C 136 -15.22 -10.48 7.71
C GLU C 136 -16.60 -10.98 7.37
N ARG C 137 -17.39 -10.09 6.77
CA ARG C 137 -18.78 -10.43 6.44
C ARG C 137 -19.13 -9.94 5.06
N TRP C 138 -19.36 -10.90 4.16
CA TRP C 138 -19.86 -10.64 2.81
C TRP C 138 -21.36 -10.72 2.84
N ILE C 139 -21.99 -9.71 2.25
CA ILE C 139 -23.45 -9.65 2.18
C ILE C 139 -23.86 -9.42 0.75
N GLY C 140 -24.66 -10.37 0.21
CA GLY C 140 -25.31 -10.24 -1.11
C GLY C 140 -26.80 -10.03 -0.90
N ILE C 141 -27.32 -8.99 -1.56
CA ILE C 141 -28.75 -8.69 -1.47
C ILE C 141 -29.18 -8.41 -2.89
N THR C 142 -30.28 -9.02 -3.30
CA THR C 142 -30.76 -8.79 -4.65
CA THR C 142 -30.81 -8.79 -4.63
C THR C 142 -31.13 -7.32 -4.82
N GLY C 143 -30.61 -6.73 -5.89
CA GLY C 143 -30.76 -5.35 -6.17
C GLY C 143 -29.58 -4.46 -5.83
N LYS C 144 -28.65 -4.97 -5.03
CA LYS C 144 -27.48 -4.20 -4.56
C LYS C 144 -26.21 -4.91 -4.96
N ARG C 145 -25.14 -4.12 -5.02
CA ARG C 145 -23.80 -4.71 -5.11
C ARG C 145 -23.41 -5.35 -3.76
N THR C 146 -22.74 -6.50 -3.88
CA THR C 146 -22.24 -7.20 -2.70
C THR C 146 -21.25 -6.30 -1.94
N THR C 147 -21.23 -6.46 -0.59
CA THR C 147 -20.29 -5.73 0.27
C THR C 147 -19.53 -6.71 1.12
N LEU C 148 -18.31 -6.28 1.47
CA LEU C 148 -17.49 -6.89 2.52
C LEU C 148 -17.31 -5.85 3.62
N ASN C 149 -17.81 -6.11 4.83
CA ASN C 149 -17.74 -5.16 5.91
C ASN C 149 -18.21 -3.77 5.47
N GLY C 150 -19.29 -3.76 4.70
CA GLY C 150 -19.95 -2.54 4.30
C GLY C 150 -19.43 -1.84 3.06
N GLN C 151 -18.33 -2.35 2.51
CA GLN C 151 -17.67 -1.77 1.34
C GLN C 151 -17.95 -2.59 0.10
N GLU C 152 -18.38 -1.95 -1.00
CA GLU C 152 -18.71 -2.73 -2.19
C GLU C 152 -17.51 -3.46 -2.76
N VAL C 153 -17.72 -4.67 -3.28
CA VAL C 153 -16.72 -5.51 -3.88
C VAL C 153 -17.07 -5.84 -5.30
N SER C 154 -16.10 -6.35 -6.06
CA SER C 154 -16.29 -6.80 -7.37
C SER C 154 -15.41 -7.97 -7.72
N THR C 155 -15.90 -8.88 -8.54
CA THR C 155 -15.02 -9.88 -9.16
C THR C 155 -14.10 -9.20 -10.17
N ARG C 156 -13.09 -9.97 -10.58
CA ARG C 156 -12.12 -9.49 -11.59
C ARG C 156 -12.29 -10.24 -12.92
N THR C 157 -11.83 -9.61 -13.99
CA THR C 157 -11.71 -10.26 -15.26
C THR C 157 -10.54 -11.23 -15.27
N CYS C 158 -10.62 -12.23 -16.13
CA CYS C 158 -9.53 -13.14 -16.36
C CYS C 158 -9.61 -13.58 -17.82
N ALA C 159 -8.47 -13.50 -18.51
CA ALA C 159 -8.44 -13.61 -19.97
C ALA C 159 -8.61 -15.01 -20.50
N ASP C 160 -8.22 -16.02 -19.73
CA ASP C 160 -8.18 -17.41 -20.19
C ASP C 160 -8.03 -18.33 -19.00
N LEU C 161 -8.55 -19.53 -19.15
CA LEU C 161 -8.43 -20.51 -18.12
C LEU C 161 -6.98 -20.76 -17.64
N SER C 162 -5.99 -20.71 -18.56
CA SER C 162 -4.57 -20.89 -18.19
C SER C 162 -4.03 -19.79 -17.28
N GLN C 163 -4.78 -18.68 -17.14
CA GLN C 163 -4.43 -17.59 -16.23
C GLN C 163 -5.22 -17.60 -14.93
N ALA C 164 -6.12 -18.56 -14.78
CA ALA C 164 -7.03 -18.58 -13.65
C ALA C 164 -6.45 -19.26 -12.42
N TYR C 165 -6.68 -18.61 -11.26
CA TYR C 165 -6.47 -19.22 -9.96
C TYR C 165 -7.77 -19.95 -9.52
N LEU C 166 -7.65 -21.24 -9.30
CA LEU C 166 -8.75 -22.15 -8.95
C LEU C 166 -8.61 -22.59 -7.50
N TYR C 167 -9.73 -22.60 -6.79
CA TYR C 167 -9.81 -23.24 -5.48
C TYR C 167 -10.83 -24.38 -5.51
N THR C 168 -10.58 -25.35 -4.65
CA THR C 168 -11.57 -26.30 -4.21
C THR C 168 -11.28 -26.75 -2.81
N THR C 169 -12.24 -27.26 -2.03
CA THR C 169 -11.95 -27.57 -0.65
C THR C 169 -10.90 -28.65 -0.52
N SER C 170 -11.05 -29.77 -1.20
CA SER C 170 -10.16 -30.93 -1.03
C SER C 170 -10.07 -31.74 -2.29
N PRO C 171 -8.90 -32.30 -2.60
CA PRO C 171 -8.79 -33.14 -3.78
C PRO C 171 -9.62 -34.45 -3.59
N HIS C 172 -9.96 -34.78 -2.34
CA HIS C 172 -10.63 -36.07 -2.05
C HIS C 172 -12.16 -36.02 -2.17
N LEU C 173 -12.71 -34.82 -2.39
CA LEU C 173 -14.16 -34.66 -2.40
C LEU C 173 -14.71 -34.68 -3.83
N PHE C 174 -14.21 -35.66 -4.60
CA PHE C 174 -14.69 -35.97 -5.91
C PHE C 174 -14.65 -37.49 -6.02
N SER C 175 -15.58 -38.05 -6.79
CA SER C 175 -15.72 -39.52 -7.01
C SER C 175 -16.09 -39.76 -8.46
N GLY C 176 -15.59 -40.86 -9.00
CA GLY C 176 -16.05 -41.32 -10.30
C GLY C 176 -15.99 -40.29 -11.43
N ASP C 177 -17.07 -40.14 -12.17
CA ASP C 177 -17.08 -39.25 -13.33
C ASP C 177 -16.81 -37.80 -12.87
N ALA C 178 -17.27 -37.44 -11.67
CA ALA C 178 -17.04 -36.07 -11.19
C ALA C 178 -15.53 -35.78 -11.01
N GLU C 179 -14.81 -36.77 -10.52
CA GLU C 179 -13.37 -36.64 -10.36
C GLU C 179 -12.70 -36.47 -11.72
N GLU C 180 -13.11 -37.27 -12.72
CA GLU C 180 -12.55 -37.08 -14.07
C GLU C 180 -12.80 -35.69 -14.65
N ALA C 181 -14.01 -35.18 -14.45
CA ALA C 181 -14.35 -33.83 -14.92
C ALA C 181 -13.51 -32.75 -14.23
N PHE C 182 -13.42 -32.83 -12.90
CA PHE C 182 -12.58 -31.89 -12.15
C PHE C 182 -11.15 -31.91 -12.65
N ILE C 183 -10.61 -33.11 -12.85
CA ILE C 183 -9.22 -33.20 -13.34
C ILE C 183 -9.05 -32.47 -14.69
N ARG C 184 -10.05 -32.60 -15.57
CA ARG C 184 -9.95 -31.89 -16.84
C ARG C 184 -9.79 -30.37 -16.68
N VAL C 185 -10.56 -29.77 -15.78
CA VAL C 185 -10.45 -28.33 -15.49
C VAL C 185 -9.12 -28.04 -14.76
N ARG C 186 -8.85 -28.81 -13.73
CA ARG C 186 -7.71 -28.68 -12.88
C ARG C 186 -6.42 -28.56 -13.73
N ASP C 187 -6.30 -29.41 -14.77
CA ASP C 187 -5.08 -29.49 -15.61
C ASP C 187 -4.94 -28.32 -16.57
N LYS C 188 -5.95 -27.46 -16.64
CA LYS C 188 -5.96 -26.31 -17.53
C LYS C 188 -5.79 -24.95 -16.90
N VAL C 189 -5.93 -24.89 -15.58
CA VAL C 189 -5.81 -23.61 -14.88
C VAL C 189 -4.35 -23.25 -14.58
N LYS C 190 -4.15 -22.02 -14.17
CA LYS C 190 -2.79 -21.61 -13.76
C LYS C 190 -2.28 -22.42 -12.62
N ILE C 191 -3.09 -22.56 -11.60
CA ILE C 191 -2.72 -23.33 -10.42
C ILE C 191 -4.03 -23.75 -9.72
N PRO C 192 -4.10 -25.00 -9.20
CA PRO C 192 -5.18 -25.41 -8.30
C PRO C 192 -4.72 -25.33 -6.86
N LEU C 193 -5.57 -24.68 -6.06
CA LEU C 193 -5.31 -24.44 -4.65
C LEU C 193 -6.45 -25.04 -3.80
N TYR C 194 -6.19 -25.32 -2.55
CA TYR C 194 -7.05 -26.10 -1.71
C TYR C 194 -7.34 -25.48 -0.36
N GLY C 195 -8.45 -25.92 0.27
CA GLY C 195 -8.55 -25.91 1.71
C GLY C 195 -9.54 -25.05 2.47
N CYS C 196 -10.42 -24.30 1.79
CA CYS C 196 -11.19 -23.36 2.60
C CYS C 196 -12.66 -23.07 2.36
N ASP C 197 -13.33 -24.08 1.74
CA ASP C 197 -14.80 -24.11 1.82
C ASP C 197 -15.40 -22.81 1.27
N CYS C 198 -16.38 -22.23 1.96
CA CYS C 198 -17.01 -21.02 1.50
C CYS C 198 -16.08 -19.82 1.36
N TYR C 199 -14.96 -19.82 2.08
CA TYR C 199 -14.07 -18.69 2.04
C TYR C 199 -13.49 -18.48 0.65
N ALA C 200 -13.32 -19.55 -0.14
CA ALA C 200 -12.85 -19.37 -1.48
C ALA C 200 -13.81 -18.58 -2.37
N TYR C 201 -15.12 -18.83 -2.16
CA TYR C 201 -16.13 -18.13 -2.92
C TYR C 201 -16.20 -16.62 -2.51
N ALA C 202 -15.94 -16.37 -1.21
CA ALA C 202 -15.80 -14.99 -0.73
C ALA C 202 -14.62 -14.30 -1.42
N LEU C 203 -13.46 -14.97 -1.48
CA LEU C 203 -12.35 -14.37 -2.16
C LEU C 203 -12.61 -14.14 -3.63
N LEU C 204 -13.32 -15.09 -4.28
CA LEU C 204 -13.74 -14.91 -5.68
C LEU C 204 -14.57 -13.62 -5.79
N SER C 205 -15.53 -13.46 -4.89
CA SER C 205 -16.45 -12.31 -4.89
C SER C 205 -15.70 -10.97 -4.74
N SER C 206 -14.60 -11.00 -3.99
CA SER C 206 -13.72 -9.82 -3.84
C SER C 206 -12.70 -9.68 -4.90
N GLY C 207 -12.59 -10.58 -5.86
CA GLY C 207 -11.73 -10.36 -7.00
C GLY C 207 -10.34 -10.91 -6.86
N PHE C 208 -10.13 -11.86 -5.95
CA PHE C 208 -8.79 -12.44 -5.72
C PHE C 208 -8.61 -13.88 -6.16
N VAL C 209 -9.74 -14.49 -6.61
CA VAL C 209 -9.79 -15.84 -7.07
C VAL C 209 -10.67 -15.85 -8.30
N ASP C 210 -10.31 -16.68 -9.27
CA ASP C 210 -11.03 -16.73 -10.56
C ASP C 210 -12.06 -17.82 -10.71
N LEU C 211 -11.84 -18.94 -10.06
CA LEU C 211 -12.67 -20.13 -10.28
C LEU C 211 -12.75 -20.95 -9.02
N VAL C 212 -13.93 -21.46 -8.70
CA VAL C 212 -14.13 -22.45 -7.64
C VAL C 212 -14.99 -23.56 -8.23
N VAL C 213 -14.53 -24.80 -8.07
CA VAL C 213 -15.23 -25.98 -8.63
C VAL C 213 -15.31 -27.02 -7.54
N GLU C 214 -16.54 -27.42 -7.18
CA GLU C 214 -16.77 -28.38 -6.11
C GLU C 214 -17.88 -29.35 -6.52
N SER C 215 -17.87 -30.51 -5.86
CA SER C 215 -18.81 -31.55 -6.11
C SER C 215 -19.38 -32.05 -4.79
N GLY C 216 -20.68 -32.34 -4.78
CA GLY C 216 -21.29 -32.93 -3.61
C GLY C 216 -21.72 -32.01 -2.54
N LEU C 217 -22.00 -30.75 -2.89
CA LEU C 217 -22.48 -29.77 -1.91
C LEU C 217 -23.94 -29.90 -1.65
N LYS C 218 -24.34 -29.72 -0.41
CA LYS C 218 -25.77 -29.69 -0.09
C LYS C 218 -26.24 -28.27 -0.16
N PRO C 219 -27.57 -28.03 -0.16
CA PRO C 219 -28.02 -26.67 -0.38
C PRO C 219 -27.61 -25.66 0.66
N TYR C 220 -27.49 -26.10 1.89
CA TYR C 220 -27.08 -25.17 2.94
C TYR C 220 -25.61 -24.71 2.75
N ASP C 221 -24.83 -25.45 1.97
CA ASP C 221 -23.41 -25.11 1.68
C ASP C 221 -23.29 -24.14 0.52
N PHE C 222 -24.34 -23.89 -0.30
CA PHE C 222 -24.22 -23.02 -1.46
C PHE C 222 -25.27 -21.91 -1.64
N LEU C 223 -26.42 -22.02 -1.02
CA LEU C 223 -27.46 -21.05 -1.35
C LEU C 223 -27.04 -19.60 -1.06
N ALA C 224 -26.36 -19.43 0.12
CA ALA C 224 -25.91 -18.09 0.49
C ALA C 224 -24.91 -17.51 -0.47
N LEU C 225 -24.16 -18.39 -1.12
CA LEU C 225 -23.12 -17.96 -2.06
C LEU C 225 -23.68 -17.26 -3.29
N ILE C 226 -24.93 -17.61 -3.64
CA ILE C 226 -25.45 -17.17 -4.93
C ILE C 226 -25.67 -15.62 -5.00
N PRO C 227 -26.39 -15.02 -4.04
CA PRO C 227 -26.48 -13.56 -4.11
C PRO C 227 -25.16 -12.85 -3.90
N VAL C 228 -24.28 -13.43 -3.09
CA VAL C 228 -22.96 -12.84 -2.86
C VAL C 228 -22.19 -12.77 -4.17
N ILE C 229 -22.04 -13.90 -4.85
CA ILE C 229 -21.24 -13.95 -6.08
C ILE C 229 -21.90 -13.16 -7.19
N GLU C 230 -23.21 -13.39 -7.39
CA GLU C 230 -23.87 -12.69 -8.50
C GLU C 230 -23.83 -11.18 -8.30
N GLY C 231 -24.03 -10.75 -7.06
CA GLY C 231 -24.01 -9.34 -6.77
C GLY C 231 -22.64 -8.68 -6.83
N SER C 232 -21.60 -9.51 -6.92
CA SER C 232 -20.22 -9.01 -7.12
C SER C 232 -19.85 -8.94 -8.60
N GLY C 233 -20.72 -9.45 -9.50
CA GLY C 233 -20.46 -9.50 -10.89
C GLY C 233 -19.99 -10.86 -11.41
N GLY C 234 -20.04 -11.88 -10.57
CA GLY C 234 -19.63 -13.22 -10.95
C GLY C 234 -20.79 -14.11 -11.41
N VAL C 235 -20.47 -15.36 -11.64
CA VAL C 235 -21.45 -16.35 -12.14
CA VAL C 235 -21.38 -16.38 -12.20
C VAL C 235 -21.25 -17.63 -11.36
N ILE C 236 -22.37 -18.26 -11.00
CA ILE C 236 -22.32 -19.52 -10.25
C ILE C 236 -23.49 -20.37 -10.75
N THR C 237 -23.18 -21.58 -11.16
CA THR C 237 -24.16 -22.52 -11.73
C THR C 237 -23.81 -23.93 -11.34
N ASP C 238 -24.66 -24.86 -11.79
CA ASP C 238 -24.26 -26.26 -11.76
C ASP C 238 -23.29 -26.58 -12.91
N TRP C 239 -22.85 -27.84 -12.98
CA TRP C 239 -21.81 -28.15 -13.95
C TRP C 239 -22.29 -28.22 -15.42
N LYS C 240 -23.61 -28.10 -15.67
CA LYS C 240 -24.15 -27.95 -17.02
C LYS C 240 -24.41 -26.51 -17.33
N GLY C 241 -24.14 -25.62 -16.39
CA GLY C 241 -24.42 -24.20 -16.63
C GLY C 241 -25.83 -23.78 -16.30
N HIS C 242 -26.59 -24.65 -15.59
CA HIS C 242 -27.96 -24.34 -15.25
C HIS C 242 -28.01 -23.66 -13.89
N GLN C 243 -29.06 -22.88 -13.67
CA GLN C 243 -29.30 -22.24 -12.36
C GLN C 243 -29.30 -23.26 -11.22
N LEU C 244 -28.61 -22.94 -10.13
CA LEU C 244 -28.72 -23.68 -8.91
C LEU C 244 -29.96 -23.26 -8.22
N ARG C 245 -30.88 -24.21 -8.16
CA ARG C 245 -32.19 -23.98 -7.59
C ARG C 245 -32.55 -25.11 -6.64
N TRP C 246 -33.02 -24.75 -5.45
CA TRP C 246 -33.48 -25.74 -4.46
C TRP C 246 -34.48 -25.06 -3.58
N GLU C 247 -35.72 -25.47 -3.68
CA GLU C 247 -36.78 -24.87 -2.89
C GLU C 247 -36.84 -25.62 -1.54
N ALA C 248 -36.57 -24.92 -0.47
CA ALA C 248 -36.72 -25.43 0.89
C ALA C 248 -38.21 -25.45 1.24
N SER C 249 -38.69 -26.62 1.62
CA SER C 249 -40.14 -26.80 1.86
C SER C 249 -40.25 -27.94 2.86
N PRO C 250 -41.45 -28.24 3.29
CA PRO C 250 -41.65 -29.32 4.25
C PRO C 250 -41.23 -30.67 3.68
N LEU C 251 -41.28 -30.82 2.38
CA LEU C 251 -40.95 -32.11 1.76
C LEU C 251 -39.65 -32.16 0.98
N SER C 252 -38.94 -31.05 0.91
CA SER C 252 -37.69 -31.03 0.16
C SER C 252 -36.64 -31.94 0.76
N ILE C 253 -35.88 -32.57 -0.13
CA ILE C 253 -34.77 -33.44 0.24
C ILE C 253 -33.44 -32.77 -0.02
N ALA C 254 -32.46 -33.09 0.80
CA ALA C 254 -31.15 -32.38 0.72
C ALA C 254 -30.26 -33.09 -0.28
N THR C 255 -30.55 -32.84 -1.54
CA THR C 255 -29.80 -33.41 -2.63
C THR C 255 -28.42 -32.78 -2.72
N SER C 256 -27.49 -33.51 -3.31
CA SER C 256 -26.17 -33.01 -3.60
C SER C 256 -26.11 -32.36 -4.97
N PHE C 257 -25.28 -31.31 -5.06
CA PHE C 257 -25.12 -30.52 -6.24
C PHE C 257 -23.63 -30.39 -6.55
N ASN C 258 -23.33 -30.24 -7.83
CA ASN C 258 -21.99 -29.81 -8.28
C ASN C 258 -22.09 -28.32 -8.66
N VAL C 259 -21.07 -27.57 -8.25
CA VAL C 259 -21.03 -26.10 -8.34
C VAL C 259 -19.80 -25.65 -9.09
N VAL C 260 -19.97 -24.69 -9.96
CA VAL C 260 -18.85 -23.95 -10.56
C VAL C 260 -19.17 -22.48 -10.48
N ALA C 261 -18.24 -21.74 -9.86
CA ALA C 261 -18.31 -20.29 -9.75
C ALA C 261 -17.11 -19.65 -10.41
N ALA C 262 -17.33 -18.55 -11.08
CA ALA C 262 -16.25 -17.78 -11.71
C ALA C 262 -16.43 -16.32 -11.53
N GLY C 263 -15.31 -15.59 -11.50
CA GLY C 263 -15.40 -14.14 -11.51
C GLY C 263 -15.78 -13.51 -12.84
N ASP C 264 -15.47 -14.23 -13.90
CA ASP C 264 -15.60 -13.80 -15.32
C ASP C 264 -16.41 -14.84 -16.08
N LYS C 265 -17.44 -14.38 -16.80
CA LYS C 265 -18.27 -15.28 -17.52
C LYS C 265 -17.56 -16.11 -18.60
N GLN C 266 -16.50 -15.53 -19.19
CA GLN C 266 -15.69 -16.22 -20.18
C GLN C 266 -15.04 -17.42 -19.58
N ILE C 267 -14.46 -17.24 -18.39
CA ILE C 267 -13.83 -18.34 -17.70
C ILE C 267 -14.84 -19.39 -17.29
N HIS C 268 -16.00 -18.94 -16.82
CA HIS C 268 -17.10 -19.86 -16.51
C HIS C 268 -17.43 -20.80 -17.67
N GLN C 269 -17.56 -20.25 -18.85
CA GLN C 269 -17.89 -21.07 -19.97
C GLN C 269 -16.76 -22.01 -20.36
N GLN C 270 -15.51 -21.52 -20.30
CA GLN C 270 -14.39 -22.42 -20.56
C GLN C 270 -14.37 -23.55 -19.55
N ALA C 271 -14.70 -23.28 -18.28
CA ALA C 271 -14.72 -24.33 -17.31
C ALA C 271 -15.83 -25.34 -17.66
N LEU C 272 -17.02 -24.83 -18.02
CA LEU C 272 -18.12 -25.74 -18.41
C LEU C 272 -17.70 -26.66 -19.58
N ASP C 273 -16.95 -26.06 -20.53
CA ASP C 273 -16.53 -26.77 -21.72
C ASP C 273 -15.54 -27.90 -21.37
N SER C 274 -14.71 -27.73 -20.35
CA SER C 274 -13.81 -28.78 -19.84
C SER C 274 -14.48 -29.81 -18.98
N LEU C 275 -15.42 -29.37 -18.14
CA LEU C 275 -16.16 -30.31 -17.29
C LEU C 275 -16.88 -31.35 -18.14
N GLN C 276 -17.42 -30.93 -19.29
CA GLN C 276 -18.08 -31.84 -20.22
C GLN C 276 -19.17 -32.65 -19.52
N TRP C 277 -20.00 -31.94 -18.78
CA TRP C 277 -21.00 -32.58 -17.90
C TRP C 277 -22.35 -32.70 -18.60
N LEU D 14 19.72 -14.23 23.63
CA LEU D 14 19.59 -12.94 24.22
C LEU D 14 18.05 -12.60 24.17
N ASN D 15 17.64 -12.00 25.24
CA ASN D 15 16.49 -11.11 25.23
C ASN D 15 16.66 -10.10 24.11
N HIS D 16 17.89 -9.64 23.88
CA HIS D 16 18.18 -8.66 22.87
C HIS D 16 17.90 -9.23 21.48
N PHE D 17 18.31 -10.48 21.25
CA PHE D 17 17.97 -11.11 19.99
C PHE D 17 16.43 -11.19 19.79
N SER D 18 15.69 -11.58 20.83
CA SER D 18 14.23 -11.64 20.77
C SER D 18 13.59 -10.25 20.50
N ASP D 19 14.11 -9.24 21.18
CA ASP D 19 13.55 -7.88 21.00
C ASP D 19 13.76 -7.42 19.53
N VAL D 20 14.96 -7.64 18.99
CA VAL D 20 15.24 -7.26 17.66
C VAL D 20 14.44 -8.10 16.64
N ALA D 21 14.34 -9.41 16.89
CA ALA D 21 13.53 -10.24 15.98
C ALA D 21 12.06 -9.74 15.92
N ASN D 22 11.54 -9.35 17.08
CA ASN D 22 10.18 -8.75 17.11
C ASN D 22 10.11 -7.44 16.34
N LYS D 23 11.11 -6.58 16.50
CA LYS D 23 11.14 -5.31 15.78
C LYS D 23 11.17 -5.59 14.24
N ALA D 24 11.93 -6.63 13.86
CA ALA D 24 12.03 -7.02 12.45
C ALA D 24 10.67 -7.51 11.95
N ALA D 25 10.02 -8.35 12.73
CA ALA D 25 8.71 -8.84 12.31
C ALA D 25 7.67 -7.71 12.23
N ASN D 26 7.76 -6.75 13.15
CA ASN D 26 6.86 -5.57 13.09
C ASN D 26 7.06 -4.84 11.81
N ALA D 27 8.35 -4.62 11.43
CA ALA D 27 8.69 -3.89 10.22
C ALA D 27 8.18 -4.61 8.97
N ALA D 28 8.34 -5.93 8.93
CA ALA D 28 7.81 -6.70 7.83
C ALA D 28 6.28 -6.57 7.71
N GLY D 29 5.60 -6.59 8.85
CA GLY D 29 4.13 -6.59 8.86
C GLY D 29 3.59 -5.28 8.36
N ASP D 30 4.21 -4.17 8.75
CA ASP D 30 3.81 -2.84 8.25
C ASP D 30 3.92 -2.77 6.75
N VAL D 31 4.98 -3.34 6.20
CA VAL D 31 5.11 -3.44 4.75
C VAL D 31 4.01 -4.30 4.11
N ILE D 32 3.88 -5.51 4.58
CA ILE D 32 2.99 -6.48 3.99
C ILE D 32 1.54 -5.99 4.00
N ARG D 33 1.11 -5.30 5.05
CA ARG D 33 -0.25 -4.74 5.18
C ARG D 33 -0.52 -3.67 4.12
N LYS D 34 0.51 -3.02 3.61
CA LYS D 34 0.35 -2.07 2.49
C LYS D 34 0.00 -2.76 1.16
N TYR D 35 0.31 -4.02 1.00
CA TYR D 35 0.26 -4.69 -0.30
C TYR D 35 -0.81 -5.80 -0.35
N PHE D 36 -1.14 -6.40 0.79
CA PHE D 36 -2.07 -7.53 0.81
C PHE D 36 -3.49 -7.04 0.39
N ARG D 37 -4.08 -7.75 -0.55
CA ARG D 37 -5.41 -7.45 -1.13
C ARG D 37 -5.46 -6.07 -1.79
N LYS D 38 -4.31 -5.60 -2.30
CA LYS D 38 -4.22 -4.42 -3.13
C LYS D 38 -3.68 -5.01 -4.46
N LEU D 49 7.16 -5.42 -11.75
CA LEU D 49 7.07 -6.47 -10.71
C LEU D 49 5.69 -6.51 -10.05
N SER D 50 5.21 -7.71 -9.70
CA SER D 50 3.88 -7.90 -9.06
C SER D 50 3.85 -7.42 -7.58
N PRO D 51 2.62 -7.20 -6.99
CA PRO D 51 2.50 -6.80 -5.57
C PRO D 51 3.26 -7.77 -4.63
N VAL D 52 3.16 -9.09 -4.88
CA VAL D 52 3.81 -10.09 -3.99
C VAL D 52 5.35 -9.95 -4.02
N THR D 53 5.94 -9.68 -5.19
CA THR D 53 7.41 -9.61 -5.31
C THR D 53 7.89 -8.31 -4.66
N ILE D 54 7.17 -7.21 -4.93
CA ILE D 54 7.48 -5.93 -4.30
C ILE D 54 7.38 -6.02 -2.78
N ALA D 55 6.25 -6.57 -2.30
CA ALA D 55 6.02 -6.70 -0.89
C ALA D 55 7.12 -7.56 -0.27
N ASP D 56 7.45 -8.69 -0.92
CA ASP D 56 8.46 -9.60 -0.38
C ASP D 56 9.80 -8.86 -0.26
N GLN D 57 10.16 -8.16 -1.33
CA GLN D 57 11.43 -7.42 -1.36
C GLN D 57 11.48 -6.31 -0.35
N SER D 58 10.44 -5.48 -0.27
CA SER D 58 10.42 -4.35 0.69
C SER D 58 10.40 -4.89 2.09
N ALA D 59 9.64 -5.97 2.36
CA ALA D 59 9.53 -6.51 3.72
C ALA D 59 10.92 -7.04 4.15
N GLU D 60 11.59 -7.77 3.22
CA GLU D 60 12.94 -8.25 3.55
C GLU D 60 13.91 -7.10 3.86
N GLU D 61 13.87 -6.05 3.05
CA GLU D 61 14.70 -4.87 3.30
C GLU D 61 14.43 -4.30 4.64
N ALA D 62 13.17 -4.19 5.02
CA ALA D 62 12.81 -3.58 6.28
C ALA D 62 13.37 -4.43 7.43
N MET D 63 13.28 -5.75 7.31
CA MET D 63 13.82 -6.63 8.34
C MET D 63 15.34 -6.54 8.46
N VAL D 64 16.00 -6.59 7.33
CA VAL D 64 17.47 -6.49 7.25
C VAL D 64 17.97 -5.18 7.89
N SER D 65 17.28 -4.05 7.61
CA SER D 65 17.70 -2.77 8.20
C SER D 65 17.66 -2.88 9.72
N VAL D 66 16.57 -3.43 10.28
CA VAL D 66 16.45 -3.55 11.71
C VAL D 66 17.56 -4.41 12.30
N ILE D 67 17.72 -5.58 11.70
CA ILE D 67 18.69 -6.58 12.16
C ILE D 67 20.10 -6.00 12.13
N LEU D 68 20.49 -5.41 11.04
CA LEU D 68 21.89 -4.96 10.93
C LEU D 68 22.17 -3.63 11.69
N ASP D 69 21.16 -2.82 11.94
CA ASP D 69 21.28 -1.63 12.79
C ASP D 69 21.68 -2.06 14.20
N ASN D 70 21.14 -3.20 14.65
CA ASN D 70 21.42 -3.71 15.98
C ASN D 70 22.66 -4.59 16.06
N PHE D 71 22.88 -5.36 15.02
CA PHE D 71 23.90 -6.40 14.94
C PHE D 71 24.72 -6.35 13.66
N PRO D 72 25.62 -5.34 13.53
CA PRO D 72 26.43 -5.20 12.30
C PRO D 72 27.41 -6.37 12.06
N SER D 73 27.64 -7.18 13.10
CA SER D 73 28.51 -8.34 12.91
C SER D 73 27.72 -9.58 12.43
N HIS D 74 26.38 -9.48 12.32
CA HIS D 74 25.62 -10.65 11.86
C HIS D 74 25.50 -10.63 10.34
N ALA D 75 25.13 -11.81 9.82
CA ALA D 75 24.76 -11.94 8.40
C ALA D 75 23.25 -12.12 8.27
N VAL D 76 22.79 -11.92 7.05
CA VAL D 76 21.41 -12.14 6.66
C VAL D 76 21.40 -13.03 5.43
N TYR D 77 20.32 -13.80 5.27
CA TYR D 77 20.18 -14.71 4.12
C TYR D 77 18.73 -14.75 3.68
N GLY D 78 18.50 -14.65 2.37
CA GLY D 78 17.17 -14.69 1.79
C GLY D 78 17.19 -15.30 0.41
N GLU D 79 15.99 -15.54 -0.12
CA GLU D 79 15.84 -16.23 -1.39
C GLU D 79 16.54 -15.44 -2.53
N GLU D 80 16.26 -14.14 -2.64
CA GLU D 80 16.64 -13.34 -3.83
C GLU D 80 18.13 -13.07 -3.81
N LYS D 81 18.67 -12.64 -2.66
CA LYS D 81 20.03 -12.09 -2.58
C LYS D 81 21.04 -13.04 -1.96
N GLY D 82 20.57 -14.17 -1.42
CA GLY D 82 21.43 -15.08 -0.75
C GLY D 82 22.08 -14.46 0.49
N TRP D 83 23.32 -14.84 0.71
CA TRP D 83 24.10 -14.36 1.87
C TRP D 83 24.52 -12.93 1.70
N ARG D 84 24.34 -12.12 2.77
CA ARG D 84 24.91 -10.80 2.86
C ARG D 84 25.44 -10.53 4.23
N CYS D 85 26.60 -9.86 4.25
CA CYS D 85 27.27 -9.53 5.51
C CYS D 85 28.32 -8.45 5.20
N LYS D 86 28.45 -7.48 6.11
CA LYS D 86 29.50 -6.46 6.01
C LYS D 86 30.91 -7.06 6.13
N GLN D 87 30.96 -8.27 6.67
CA GLN D 87 32.16 -9.05 6.80
C GLN D 87 32.11 -10.30 5.98
N ASP D 88 33.21 -11.04 5.91
CA ASP D 88 33.37 -12.28 5.09
C ASP D 88 32.77 -13.51 5.75
N SER D 89 32.48 -13.44 7.04
CA SER D 89 31.94 -14.57 7.82
C SER D 89 31.19 -14.08 9.01
N ALA D 90 30.33 -14.93 9.60
CA ALA D 90 29.58 -14.51 10.78
C ALA D 90 29.19 -15.76 11.57
N ASP D 91 29.15 -15.64 12.88
CA ASP D 91 28.67 -16.68 13.80
C ASP D 91 27.13 -16.74 13.77
N TYR D 92 26.53 -15.57 13.62
CA TYR D 92 25.06 -15.44 13.69
C TYR D 92 24.54 -15.02 12.33
N VAL D 93 23.53 -15.77 11.86
CA VAL D 93 22.94 -15.56 10.54
C VAL D 93 21.40 -15.62 10.65
N TRP D 94 20.81 -14.55 10.14
CA TRP D 94 19.36 -14.44 10.08
C TRP D 94 18.88 -14.91 8.73
N VAL D 95 18.06 -15.98 8.75
CA VAL D 95 17.49 -16.56 7.55
C VAL D 95 15.99 -16.14 7.50
N LEU D 96 15.64 -15.50 6.38
CA LEU D 96 14.35 -14.76 6.27
C LEU D 96 13.50 -15.27 5.12
N ASP D 97 12.18 -15.38 5.36
CA ASP D 97 11.19 -15.51 4.26
C ASP D 97 10.07 -14.55 4.55
N PRO D 98 10.05 -13.36 3.90
CA PRO D 98 8.97 -12.44 4.24
C PRO D 98 7.55 -12.97 3.97
N ILE D 99 7.42 -13.77 2.90
CA ILE D 99 6.11 -14.31 2.53
C ILE D 99 6.23 -15.79 2.17
N ASP D 100 6.06 -16.62 3.16
CA ASP D 100 5.93 -18.07 2.98
C ASP D 100 4.44 -18.33 2.74
N GLY D 101 4.16 -18.88 1.58
CA GLY D 101 2.75 -19.02 1.14
C GLY D 101 2.39 -17.95 0.13
N THR D 102 3.17 -17.84 -0.95
CA THR D 102 2.96 -16.81 -1.93
C THR D 102 1.60 -16.97 -2.63
N LYS D 103 1.18 -18.24 -2.82
CA LYS D 103 -0.11 -18.46 -3.55
C LYS D 103 -1.28 -17.96 -2.69
N SER D 104 -1.20 -18.17 -1.37
CA SER D 104 -2.15 -17.60 -0.45
C SER D 104 -2.15 -16.10 -0.53
N PHE D 105 -0.95 -15.49 -0.44
CA PHE D 105 -0.89 -14.06 -0.49
C PHE D 105 -1.57 -13.49 -1.76
N ILE D 106 -1.20 -14.05 -2.91
CA ILE D 106 -1.68 -13.60 -4.20
C ILE D 106 -3.21 -13.72 -4.32
N THR D 107 -3.75 -14.75 -3.72
CA THR D 107 -5.21 -15.01 -3.77
C THR D 107 -5.98 -14.41 -2.60
N GLY D 108 -5.35 -13.55 -1.80
CA GLY D 108 -6.05 -12.87 -0.74
C GLY D 108 -6.34 -13.69 0.50
N LYS D 109 -5.69 -14.82 0.63
CA LYS D 109 -5.96 -15.74 1.74
C LYS D 109 -4.95 -15.44 2.87
N PRO D 110 -5.41 -15.04 4.06
CA PRO D 110 -4.52 -14.49 5.12
C PRO D 110 -3.83 -15.57 5.97
N LEU D 111 -3.29 -16.60 5.33
CA LEU D 111 -2.61 -17.71 6.01
C LEU D 111 -1.17 -17.93 5.55
N PHE D 112 -0.68 -16.98 4.79
CA PHE D 112 0.80 -16.89 4.54
C PHE D 112 1.45 -16.47 5.86
N GLY D 113 2.79 -16.56 5.91
CA GLY D 113 3.48 -16.09 7.12
C GLY D 113 4.84 -15.49 6.77
N THR D 114 5.31 -14.65 7.67
CA THR D 114 6.69 -14.17 7.64
C THR D 114 7.48 -15.10 8.59
N LEU D 115 8.58 -15.63 8.07
CA LEU D 115 9.45 -16.54 8.84
C LEU D 115 10.82 -15.89 9.07
N ILE D 116 11.19 -15.89 10.37
CA ILE D 116 12.53 -15.35 10.76
C ILE D 116 13.19 -16.41 11.57
N ALA D 117 14.40 -16.79 11.18
CA ALA D 117 15.21 -17.73 11.97
C ALA D 117 16.59 -17.08 12.25
N LEU D 118 17.04 -17.21 13.49
CA LEU D 118 18.41 -16.81 13.82
C LEU D 118 19.21 -18.08 14.11
N LEU D 119 20.30 -18.27 13.39
CA LEU D 119 21.19 -19.40 13.51
C LEU D 119 22.51 -19.02 14.12
N GLN D 120 22.91 -19.78 15.10
CA GLN D 120 24.27 -19.64 15.71
C GLN D 120 25.09 -20.84 15.28
N ASN D 121 26.17 -20.60 14.53
CA ASN D 121 26.98 -21.70 14.02
C ASN D 121 26.11 -22.76 13.30
N GLY D 122 25.12 -22.27 12.55
CA GLY D 122 24.22 -23.13 11.75
C GLY D 122 23.04 -23.71 12.50
N THR D 123 22.90 -23.49 13.81
CA THR D 123 21.83 -24.07 14.55
C THR D 123 20.80 -23.02 14.91
N PRO D 124 19.50 -23.25 14.58
CA PRO D 124 18.50 -22.26 14.95
C PRO D 124 18.36 -22.08 16.46
N ILE D 125 18.43 -20.82 16.90
CA ILE D 125 18.25 -20.49 18.29
C ILE D 125 16.97 -19.70 18.60
N LEU D 126 16.37 -19.18 17.53
CA LEU D 126 15.15 -18.37 17.62
C LEU D 126 14.42 -18.57 16.29
N GLY D 127 13.10 -18.66 16.36
CA GLY D 127 12.26 -18.67 15.16
C GLY D 127 10.98 -17.92 15.42
N ILE D 128 10.53 -17.19 14.40
CA ILE D 128 9.22 -16.54 14.46
C ILE D 128 8.43 -16.97 13.22
N ILE D 129 7.14 -17.26 13.49
CA ILE D 129 6.12 -17.35 12.43
C ILE D 129 5.13 -16.21 12.72
N ASP D 130 5.09 -15.25 11.80
CA ASP D 130 4.24 -14.06 11.99
C ASP D 130 3.15 -13.99 10.92
N GLN D 131 1.91 -13.84 11.34
CA GLN D 131 0.79 -13.64 10.39
C GLN D 131 0.36 -12.17 10.64
N PRO D 132 0.77 -11.24 9.74
CA PRO D 132 0.58 -9.82 10.05
C PRO D 132 -0.83 -9.30 9.88
N VAL D 133 -1.66 -10.04 9.13
CA VAL D 133 -3.04 -9.63 8.93
C VAL D 133 -3.87 -10.09 10.18
N LEU D 134 -3.72 -11.38 10.53
CA LEU D 134 -4.40 -11.93 11.68
C LEU D 134 -3.82 -11.46 13.02
N LYS D 135 -2.62 -10.87 12.96
CA LYS D 135 -1.96 -10.41 14.15
C LYS D 135 -1.72 -11.56 15.12
N GLU D 136 -1.04 -12.56 14.61
CA GLU D 136 -0.63 -13.75 15.35
C GLU D 136 0.84 -13.99 15.15
N ARG D 137 1.55 -14.10 16.27
CA ARG D 137 3.00 -14.28 16.23
C ARG D 137 3.42 -15.38 17.18
N TRP D 138 3.96 -16.46 16.62
CA TRP D 138 4.54 -17.55 17.37
C TRP D 138 6.07 -17.31 17.43
N ILE D 139 6.60 -17.41 18.66
CA ILE D 139 8.05 -17.22 18.90
C ILE D 139 8.61 -18.39 19.66
N GLY D 140 9.61 -19.03 19.04
CA GLY D 140 10.37 -20.08 19.65
C GLY D 140 11.77 -19.55 19.96
N ILE D 141 12.23 -19.81 21.16
CA ILE D 141 13.57 -19.38 21.64
C ILE D 141 14.16 -20.54 22.38
N THR D 142 15.41 -20.90 22.05
CA THR D 142 16.07 -22.01 22.77
CA THR D 142 16.05 -22.01 22.76
C THR D 142 16.10 -21.70 24.25
N GLY D 143 15.65 -22.64 25.06
CA GLY D 143 15.57 -22.49 26.49
C GLY D 143 14.21 -22.17 27.04
N LYS D 144 13.28 -21.68 26.19
CA LYS D 144 11.97 -21.22 26.63
C LYS D 144 10.85 -22.02 25.97
N ARG D 145 9.67 -21.94 26.59
CA ARG D 145 8.49 -22.48 25.92
C ARG D 145 8.04 -21.50 24.84
N THR D 146 7.60 -22.05 23.71
CA THR D 146 7.06 -21.25 22.65
C THR D 146 5.82 -20.47 23.12
N THR D 147 5.67 -19.29 22.54
CA THR D 147 4.51 -18.45 22.81
C THR D 147 3.80 -18.03 21.51
N LEU D 148 2.48 -17.79 21.66
CA LEU D 148 1.67 -17.18 20.63
C LEU D 148 1.15 -15.87 21.26
N ASN D 149 1.48 -14.74 20.68
CA ASN D 149 1.11 -13.46 21.25
C ASN D 149 1.37 -13.37 22.75
N GLY D 150 2.55 -13.91 23.13
CA GLY D 150 3.02 -13.84 24.51
C GLY D 150 2.51 -14.88 25.45
N GLN D 151 1.55 -15.73 25.02
CA GLN D 151 1.01 -16.79 25.87
C GLN D 151 1.64 -18.11 25.50
N GLU D 152 2.08 -18.85 26.50
CA GLU D 152 2.72 -20.14 26.28
C GLU D 152 1.75 -21.08 25.53
N VAL D 153 2.27 -21.86 24.60
CA VAL D 153 1.54 -22.90 23.89
C VAL D 153 2.16 -24.25 24.04
N SER D 154 1.39 -25.28 23.66
CA SER D 154 1.86 -26.64 23.67
C SER D 154 1.25 -27.45 22.56
N THR D 155 2.00 -28.40 22.06
CA THR D 155 1.46 -29.44 21.24
C THR D 155 0.57 -30.34 22.07
N ARG D 156 -0.27 -31.10 21.36
CA ARG D 156 -1.12 -32.07 22.03
C ARG D 156 -0.67 -33.49 21.86
N THR D 157 -1.07 -34.32 22.83
CA THR D 157 -0.81 -35.76 22.68
C THR D 157 -1.66 -36.39 21.59
N CYS D 158 -1.09 -37.43 20.95
CA CYS D 158 -1.78 -38.21 19.92
C CYS D 158 -0.99 -39.53 19.83
N ALA D 159 -1.63 -40.62 20.13
CA ALA D 159 -0.96 -41.92 20.31
C ALA D 159 -0.90 -42.71 19.05
N ASP D 160 -1.81 -42.45 18.09
CA ASP D 160 -1.83 -43.28 16.90
C ASP D 160 -2.22 -42.45 15.70
N LEU D 161 -1.68 -42.81 14.55
CA LEU D 161 -1.94 -42.10 13.33
C LEU D 161 -3.42 -42.09 13.03
N SER D 162 -4.14 -43.14 13.39
CA SER D 162 -5.57 -43.15 13.10
C SER D 162 -6.36 -42.01 13.68
N GLN D 163 -5.82 -41.36 14.70
CA GLN D 163 -6.43 -40.25 15.36
C GLN D 163 -5.89 -38.90 14.91
N ALA D 164 -4.86 -38.90 14.05
CA ALA D 164 -4.11 -37.70 13.73
C ALA D 164 -4.73 -36.90 12.59
N TYR D 165 -4.77 -35.57 12.81
CA TYR D 165 -5.08 -34.60 11.76
C TYR D 165 -3.78 -34.20 11.10
N LEU D 166 -3.72 -34.42 9.82
CA LEU D 166 -2.58 -34.14 8.94
C LEU D 166 -2.78 -32.98 8.03
N TYR D 167 -1.84 -32.04 7.93
CA TYR D 167 -1.82 -31.03 6.90
C TYR D 167 -0.64 -31.21 5.95
N THR D 168 -0.83 -30.70 4.74
CA THR D 168 0.23 -30.43 3.80
C THR D 168 -0.20 -29.31 2.87
N THR D 169 0.72 -28.56 2.30
CA THR D 169 0.31 -27.39 1.55
C THR D 169 -0.58 -27.80 0.35
N SER D 170 -0.13 -28.80 -0.43
CA SER D 170 -0.84 -29.16 -1.63
C SER D 170 -0.57 -30.61 -2.01
N PRO D 171 -1.59 -31.27 -2.55
CA PRO D 171 -1.32 -32.64 -3.00
C PRO D 171 -0.33 -32.76 -4.16
N HIS D 172 -0.12 -31.66 -4.87
CA HIS D 172 0.71 -31.64 -6.04
C HIS D 172 2.18 -31.37 -5.80
N LEU D 173 2.55 -31.11 -4.54
CA LEU D 173 3.96 -30.80 -4.19
C LEU D 173 4.67 -32.04 -3.69
N PHE D 174 4.38 -33.17 -4.36
CA PHE D 174 5.05 -34.46 -4.24
C PHE D 174 5.16 -35.08 -5.59
N SER D 175 6.27 -35.78 -5.79
CA SER D 175 6.49 -36.50 -7.00
C SER D 175 7.19 -37.78 -6.73
N GLY D 176 7.07 -38.71 -7.67
CA GLY D 176 7.86 -39.91 -7.61
C GLY D 176 7.78 -40.65 -6.30
N ASP D 177 8.95 -41.04 -5.78
CA ASP D 177 9.00 -41.83 -4.58
C ASP D 177 8.45 -41.07 -3.38
N ALA D 178 8.64 -39.77 -3.38
CA ALA D 178 8.12 -38.96 -2.27
C ALA D 178 6.60 -38.92 -2.21
N GLU D 179 5.96 -38.93 -3.38
CA GLU D 179 4.49 -39.05 -3.46
C GLU D 179 4.03 -40.39 -2.93
N GLU D 180 4.73 -41.50 -3.27
CA GLU D 180 4.34 -42.80 -2.77
C GLU D 180 4.45 -42.82 -1.24
N ALA D 181 5.51 -42.22 -0.74
CA ALA D 181 5.72 -42.16 0.73
C ALA D 181 4.63 -41.36 1.45
N PHE D 182 4.35 -40.20 0.91
CA PHE D 182 3.24 -39.38 1.41
C PHE D 182 1.91 -40.10 1.44
N ILE D 183 1.59 -40.80 0.35
CA ILE D 183 0.37 -41.59 0.30
C ILE D 183 0.29 -42.64 1.39
N ARG D 184 1.41 -43.30 1.69
CA ARG D 184 1.42 -44.30 2.72
C ARG D 184 1.01 -43.71 4.06
N VAL D 185 1.52 -42.51 4.39
CA VAL D 185 1.13 -41.82 5.61
C VAL D 185 -0.32 -41.28 5.55
N ARG D 186 -0.64 -40.67 4.42
CA ARG D 186 -1.95 -40.05 4.22
C ARG D 186 -3.09 -41.04 4.40
N ASP D 187 -2.89 -42.26 3.94
CA ASP D 187 -3.92 -43.28 4.05
C ASP D 187 -4.14 -43.79 5.47
N LYS D 188 -3.17 -43.58 6.34
CA LYS D 188 -3.26 -44.03 7.73
C LYS D 188 -3.78 -43.02 8.77
N VAL D 189 -3.85 -41.76 8.40
CA VAL D 189 -4.26 -40.72 9.33
C VAL D 189 -5.78 -40.61 9.42
N LYS D 190 -6.27 -39.86 10.42
CA LYS D 190 -7.72 -39.66 10.55
C LYS D 190 -8.22 -38.99 9.27
N ILE D 191 -7.61 -37.89 8.88
CA ILE D 191 -7.96 -37.16 7.67
C ILE D 191 -6.81 -36.27 7.22
N PRO D 192 -6.60 -36.17 5.89
CA PRO D 192 -5.61 -35.25 5.36
C PRO D 192 -6.25 -33.94 4.93
N LEU D 193 -5.67 -32.82 5.30
CA LEU D 193 -6.12 -31.50 4.99
C LEU D 193 -5.04 -30.68 4.32
N TYR D 194 -5.42 -29.61 3.62
CA TYR D 194 -4.54 -28.92 2.71
C TYR D 194 -4.62 -27.39 2.82
N GLY D 195 -3.56 -26.72 2.37
CA GLY D 195 -3.63 -25.36 1.99
C GLY D 195 -2.93 -24.23 2.69
N CYS D 196 -2.13 -24.46 3.71
CA CYS D 196 -1.60 -23.25 4.38
C CYS D 196 -0.14 -23.09 4.79
N ASP D 197 0.77 -23.71 4.05
CA ASP D 197 2.20 -23.56 4.32
C ASP D 197 2.60 -23.53 5.80
N CYS D 198 3.30 -22.47 6.22
CA CYS D 198 3.77 -22.36 7.60
C CYS D 198 2.67 -22.39 8.64
N TYR D 199 1.46 -21.92 8.28
CA TYR D 199 0.40 -21.79 9.27
C TYR D 199 0.07 -23.15 9.86
N ALA D 200 0.18 -24.23 9.07
CA ALA D 200 -0.11 -25.54 9.62
C ALA D 200 0.82 -25.94 10.79
N TYR D 201 2.09 -25.54 10.64
CA TYR D 201 3.08 -25.84 11.68
C TYR D 201 2.82 -25.00 12.90
N ALA D 202 2.34 -23.77 12.69
CA ALA D 202 1.87 -22.93 13.79
C ALA D 202 0.75 -23.58 14.56
N LEU D 203 -0.27 -24.06 13.81
CA LEU D 203 -1.40 -24.74 14.45
C LEU D 203 -0.94 -26.02 15.17
N LEU D 204 0.02 -26.73 14.59
CA LEU D 204 0.58 -27.89 15.27
C LEU D 204 1.20 -27.49 16.62
N SER D 205 1.96 -26.40 16.59
CA SER D 205 2.61 -25.89 17.82
CA SER D 205 2.64 -25.91 17.81
C SER D 205 1.65 -25.48 18.93
N SER D 206 0.44 -25.03 18.52
CA SER D 206 -0.60 -24.62 19.41
C SER D 206 -1.50 -25.81 19.83
N GLY D 207 -1.31 -26.97 19.24
CA GLY D 207 -2.04 -28.17 19.67
C GLY D 207 -3.35 -28.46 18.95
N PHE D 208 -3.48 -27.91 17.72
CA PHE D 208 -4.69 -28.13 16.95
C PHE D 208 -4.51 -29.00 15.73
N VAL D 209 -3.27 -29.35 15.44
CA VAL D 209 -2.89 -30.20 14.32
C VAL D 209 -1.89 -31.18 14.82
N ASP D 210 -1.89 -32.42 14.34
CA ASP D 210 -1.01 -33.48 14.85
C ASP D 210 0.20 -33.75 13.99
N LEU D 211 0.12 -33.56 12.70
CA LEU D 211 1.16 -34.00 11.75
C LEU D 211 1.17 -33.09 10.56
N VAL D 212 2.35 -32.71 10.12
CA VAL D 212 2.57 -31.97 8.87
C VAL D 212 3.66 -32.69 8.11
N VAL D 213 3.42 -33.06 6.88
CA VAL D 213 4.38 -33.78 6.01
C VAL D 213 4.48 -33.05 4.71
N GLU D 214 5.68 -32.59 4.35
CA GLU D 214 5.94 -31.83 3.15
C GLU D 214 7.24 -32.25 2.49
N SER D 215 7.32 -32.06 1.19
CA SER D 215 8.47 -32.42 0.40
C SER D 215 8.87 -31.20 -0.45
N GLY D 216 10.18 -30.93 -0.49
CA GLY D 216 10.73 -29.92 -1.36
C GLY D 216 10.78 -28.49 -0.81
N LEU D 217 10.87 -28.39 0.51
CA LEU D 217 11.05 -27.11 1.14
C LEU D 217 12.50 -26.67 1.04
N LYS D 218 12.67 -25.34 0.88
CA LYS D 218 13.95 -24.65 1.00
C LYS D 218 14.21 -24.21 2.46
N PRO D 219 15.48 -24.00 2.83
CA PRO D 219 15.74 -23.72 4.24
C PRO D 219 15.01 -22.47 4.87
N TYR D 220 14.80 -21.46 4.07
CA TYR D 220 14.10 -20.31 4.56
C TYR D 220 12.61 -20.61 4.83
N ASP D 221 12.09 -21.71 4.27
CA ASP D 221 10.72 -22.12 4.51
C ASP D 221 10.61 -23.02 5.76
N PHE D 222 11.70 -23.50 6.37
CA PHE D 222 11.55 -24.39 7.53
C PHE D 222 12.40 -24.09 8.77
N LEU D 223 13.48 -23.34 8.62
CA LEU D 223 14.37 -23.14 9.79
C LEU D 223 13.65 -22.46 10.96
N ALA D 224 12.81 -21.45 10.64
CA ALA D 224 12.08 -20.75 11.73
C ALA D 224 11.13 -21.69 12.50
N LEU D 225 10.65 -22.72 11.78
CA LEU D 225 9.69 -23.65 12.35
C LEU D 225 10.26 -24.47 13.47
N ILE D 226 11.59 -24.67 13.42
CA ILE D 226 12.22 -25.67 14.33
C ILE D 226 12.17 -25.24 15.82
N PRO D 227 12.63 -24.00 16.15
CA PRO D 227 12.52 -23.62 17.58
C PRO D 227 11.05 -23.50 18.04
N VAL D 228 10.19 -23.07 17.10
CA VAL D 228 8.76 -22.94 17.40
C VAL D 228 8.17 -24.29 17.82
N ILE D 229 8.34 -25.27 16.95
CA ILE D 229 7.73 -26.57 17.22
C ILE D 229 8.41 -27.28 18.38
N GLU D 230 9.76 -27.27 18.40
CA GLU D 230 10.47 -28.00 19.48
C GLU D 230 10.14 -27.37 20.83
N GLY D 231 10.09 -26.05 20.87
CA GLY D 231 9.77 -25.37 22.13
C GLY D 231 8.33 -25.45 22.60
N SER D 232 7.46 -25.99 21.75
CA SER D 232 6.05 -26.29 22.08
C SER D 232 5.90 -27.73 22.54
N GLY D 233 6.94 -28.57 22.46
CA GLY D 233 6.89 -29.96 22.80
C GLY D 233 6.81 -30.94 21.66
N GLY D 234 6.89 -30.44 20.43
CA GLY D 234 6.78 -31.27 19.25
C GLY D 234 8.13 -31.72 18.71
N VAL D 235 8.12 -32.37 17.58
CA VAL D 235 9.24 -32.99 16.92
C VAL D 235 9.21 -32.62 15.44
N ILE D 236 10.36 -32.26 14.88
CA ILE D 236 10.44 -31.95 13.47
C ILE D 236 11.76 -32.43 12.95
N THR D 237 11.77 -33.23 11.91
CA THR D 237 12.97 -33.84 11.34
C THR D 237 12.82 -33.97 9.84
N ASP D 238 13.84 -34.48 9.16
CA ASP D 238 13.68 -34.97 7.79
C ASP D 238 12.96 -36.32 7.81
N TRP D 239 12.73 -36.88 6.60
CA TRP D 239 11.92 -38.08 6.51
C TRP D 239 12.62 -39.36 6.98
N LYS D 240 13.92 -39.33 7.25
CA LYS D 240 14.63 -40.42 7.90
C LYS D 240 14.68 -40.25 9.44
N GLY D 241 14.15 -39.13 9.95
CA GLY D 241 14.21 -38.86 11.36
C GLY D 241 15.47 -38.12 11.78
N HIS D 242 16.26 -37.66 10.83
CA HIS D 242 17.52 -36.99 11.15
C HIS D 242 17.25 -35.50 11.36
N GLN D 243 18.12 -34.87 12.12
CA GLN D 243 17.96 -33.49 12.33
C GLN D 243 17.96 -32.74 10.99
N LEU D 244 17.12 -31.72 10.87
CA LEU D 244 17.08 -30.88 9.69
C LEU D 244 18.16 -29.87 9.97
N ARG D 245 19.18 -29.82 9.16
CA ARG D 245 20.26 -28.89 9.38
C ARG D 245 20.71 -28.38 8.05
N TRP D 246 21.00 -27.10 8.06
CA TRP D 246 21.41 -26.34 6.89
C TRP D 246 22.13 -25.14 7.45
N GLU D 247 23.42 -25.12 7.24
CA GLU D 247 24.19 -23.97 7.55
C GLU D 247 24.26 -22.96 6.43
N ALA D 248 23.76 -21.81 6.79
CA ALA D 248 23.81 -20.61 5.95
C ALA D 248 25.20 -19.98 6.04
N SER D 249 25.86 -19.87 4.90
CA SER D 249 27.22 -19.37 4.79
C SER D 249 27.34 -18.74 3.42
N PRO D 250 28.50 -18.13 3.13
CA PRO D 250 28.73 -17.63 1.77
C PRO D 250 28.65 -18.66 0.68
N LEU D 251 28.89 -19.94 0.97
CA LEU D 251 28.86 -20.97 -0.06
C LEU D 251 27.71 -21.98 0.05
N SER D 252 26.83 -21.83 1.05
CA SER D 252 25.64 -22.69 1.13
C SER D 252 24.66 -22.51 -0.09
N ILE D 253 24.05 -23.61 -0.52
CA ILE D 253 23.03 -23.62 -1.56
C ILE D 253 21.69 -23.94 -0.89
N ALA D 254 20.63 -23.23 -1.30
CA ALA D 254 19.30 -23.44 -0.74
C ALA D 254 18.71 -24.69 -1.47
N THR D 255 19.11 -25.85 -0.97
CA THR D 255 18.70 -27.13 -1.52
C THR D 255 17.38 -27.51 -0.89
N SER D 256 16.81 -28.56 -1.41
CA SER D 256 15.49 -28.93 -0.99
CA SER D 256 15.48 -28.99 -1.05
C SER D 256 15.54 -30.05 0.03
N PHE D 257 14.59 -29.98 0.93
CA PHE D 257 14.43 -30.88 2.05
C PHE D 257 13.00 -31.43 2.13
N ASN D 258 12.93 -32.61 2.74
CA ASN D 258 11.62 -33.20 3.14
C ASN D 258 11.51 -33.05 4.66
N VAL D 259 10.34 -32.62 5.10
CA VAL D 259 10.05 -32.33 6.48
C VAL D 259 8.90 -33.13 7.01
N VAL D 260 9.04 -33.64 8.23
CA VAL D 260 7.91 -34.20 8.98
C VAL D 260 7.91 -33.63 10.35
N ALA D 261 6.78 -33.03 10.74
CA ALA D 261 6.60 -32.45 12.06
C ALA D 261 5.42 -33.10 12.73
N ALA D 262 5.53 -33.37 14.03
CA ALA D 262 4.44 -33.96 14.80
C ALA D 262 4.31 -33.31 16.13
N GLY D 263 3.10 -33.27 16.69
CA GLY D 263 2.91 -32.82 18.03
C GLY D 263 3.43 -33.76 19.12
N ASP D 264 3.44 -35.05 18.80
CA ASP D 264 3.73 -36.14 19.69
C ASP D 264 4.76 -37.07 19.05
N LYS D 265 5.84 -37.41 19.82
CA LYS D 265 6.86 -38.32 19.26
C LYS D 265 6.32 -39.66 18.79
N GLN D 266 5.21 -40.12 19.41
CA GLN D 266 4.63 -41.42 19.02
C GLN D 266 4.19 -41.39 17.54
N ILE D 267 3.45 -40.36 17.21
CA ILE D 267 2.95 -40.12 15.83
C ILE D 267 4.12 -39.87 14.90
N HIS D 268 5.13 -39.10 15.37
CA HIS D 268 6.32 -38.86 14.55
C HIS D 268 6.98 -40.21 14.14
N GLN D 269 7.14 -41.12 15.09
CA GLN D 269 7.78 -42.39 14.76
C GLN D 269 6.92 -43.26 13.80
N GLN D 270 5.62 -43.30 14.03
CA GLN D 270 4.72 -44.03 13.14
C GLN D 270 4.80 -43.42 11.75
N ALA D 271 4.85 -42.08 11.63
CA ALA D 271 4.99 -41.47 10.30
C ALA D 271 6.34 -41.86 9.64
N LEU D 272 7.46 -41.83 10.38
CA LEU D 272 8.73 -42.26 9.82
C LEU D 272 8.61 -43.70 9.32
N ASP D 273 7.96 -44.55 10.13
CA ASP D 273 7.88 -45.99 9.74
C ASP D 273 7.05 -46.15 8.43
N SER D 274 6.04 -45.29 8.24
CA SER D 274 5.24 -45.29 6.98
C SER D 274 5.97 -44.68 5.79
N LEU D 275 6.74 -43.62 6.02
CA LEU D 275 7.49 -42.96 4.94
C LEU D 275 8.52 -43.91 4.34
N GLN D 276 9.17 -44.72 5.18
CA GLN D 276 10.12 -45.76 4.71
C GLN D 276 11.24 -45.11 3.90
N TRP D 277 11.74 -44.00 4.38
CA TRP D 277 12.59 -43.17 3.54
C TRP D 277 14.06 -43.58 3.63
#